data_1XDH
#
_entry.id   1XDH
#
_cell.length_a   141.111
_cell.length_b   141.111
_cell.length_c   97.102
_cell.angle_alpha   90.00
_cell.angle_beta   90.00
_cell.angle_gamma   120.00
#
_symmetry.space_group_name_H-M   'P 31 2 1'
#
loop_
_entity.id
_entity.type
_entity.pdbx_description
1 polymer 'Plasmepsin 2'
2 polymer Pepstatin
3 water water
#
loop_
_entity_poly.entity_id
_entity_poly.type
_entity_poly.pdbx_seq_one_letter_code
_entity_poly.pdbx_strand_id
1 'polypeptide(L)'
;LGSSNDNIELVDFQNIMFYGDAEVGDNQQPFTFILDTGSANLWVPSVKCTTAGCLTKHLYDSSKSRTYEKDGTKVEMNYV
SGTVSGFFSKDLVTVGNLSLPYKFIEVIDTNGFEPTYTASTFDGILGLGWKDLSIGSVDPIVVELKNQNKIENALFTFYL
PVHDKHTGFLTIGGIEERFYEGPLTYEKLNHDLYWQITLDAHVGNIMLEKANCIVDSGTSAITVPTDFLNKMLQNLDVIK
VPFLPFYVTLCNNSKLPTFEFTSENGKYTLEPEYYLQHIEDVGPGLCMLNIIGLDFPVPTFILGDPFMRKYFTVFDYDNH
SVGIALAKKNL
;
A,B
2 'polypeptide(L)' (IVA)VV(STA)A(STA) C,D
#
loop_
_chem_comp.id
_chem_comp.type
_chem_comp.name
_chem_comp.formula
IVA non-polymer 'ISOVALERIC ACID' 'C5 H10 O2'
STA peptide-like STATINE 'C8 H17 N O3'
#
# COMPACT_ATOMS: atom_id res chain seq x y z
N SER A 3 12.13 -38.32 17.39
CA SER A 3 12.56 -36.91 17.13
C SER A 3 14.09 -36.77 17.26
N SER A 4 14.59 -35.57 17.00
CA SER A 4 16.03 -35.29 16.94
C SER A 4 16.29 -33.80 16.63
N ASN A 5 15.47 -33.23 15.74
CA ASN A 5 15.49 -31.80 15.46
C ASN A 5 14.51 -31.04 16.33
N ASP A 6 14.76 -29.75 16.48
CA ASP A 6 13.86 -28.91 17.27
C ASP A 6 12.78 -28.29 16.40
N ASN A 7 11.55 -28.29 16.90
CA ASN A 7 10.38 -27.86 16.15
C ASN A 7 9.62 -26.75 16.88
N ILE A 8 9.36 -25.64 16.18
CA ILE A 8 8.39 -24.65 16.62
C ILE A 8 7.05 -24.94 15.96
N GLU A 9 6.02 -25.19 16.76
CA GLU A 9 4.70 -25.43 16.22
C GLU A 9 4.14 -24.12 15.65
N LEU A 10 3.43 -24.24 14.54
CA LEU A 10 2.88 -23.11 13.81
C LEU A 10 1.37 -23.23 13.81
N VAL A 11 0.71 -22.09 14.04
CA VAL A 11 -0.74 -22.01 14.01
C VAL A 11 -1.12 -20.99 12.94
N ASP A 12 -2.16 -21.29 12.18
CA ASP A 12 -2.58 -20.36 11.13
C ASP A 12 -3.16 -19.09 11.75
N PHE A 13 -2.99 -17.98 11.04
CA PHE A 13 -3.69 -16.74 11.35
C PHE A 13 -4.59 -16.38 10.18
N GLN A 14 -5.89 -16.39 10.43
CA GLN A 14 -6.89 -16.07 9.43
C GLN A 14 -6.71 -16.85 8.13
N ASN A 15 -6.37 -18.12 8.28
CA ASN A 15 -6.30 -19.05 7.16
C ASN A 15 -5.20 -18.81 6.12
N ILE A 16 -4.40 -17.74 6.22
CA ILE A 16 -3.36 -17.48 5.21
C ILE A 16 -1.97 -17.30 5.78
N MET A 17 -1.83 -16.53 6.86
CA MET A 17 -0.52 -16.41 7.49
C MET A 17 -0.42 -17.45 8.59
N PHE A 18 0.72 -17.47 9.25
CA PHE A 18 0.92 -18.39 10.35
C PHE A 18 1.88 -17.75 11.33
N TYR A 19 1.76 -18.13 12.60
CA TYR A 19 2.63 -17.65 13.64
C TYR A 19 3.28 -18.80 14.38
N GLY A 20 4.38 -18.51 15.04
CA GLY A 20 5.01 -19.44 15.95
C GLY A 20 5.56 -18.67 17.13
N ASP A 21 5.74 -19.37 18.24
CA ASP A 21 6.21 -18.73 19.46
C ASP A 21 7.70 -18.99 19.71
N ALA A 22 8.36 -18.00 20.26
CA ALA A 22 9.73 -18.15 20.78
C ALA A 22 9.86 -17.25 22.01
N GLU A 23 11.02 -17.29 22.65
CA GLU A 23 11.19 -16.57 23.91
C GLU A 23 12.46 -15.72 23.92
N VAL A 24 12.41 -14.65 24.71
CA VAL A 24 13.54 -13.75 24.89
C VAL A 24 13.77 -13.53 26.39
N GLY A 25 15.03 -13.48 26.81
CA GLY A 25 15.39 -13.40 28.23
C GLY A 25 15.71 -14.75 28.83
N ASP A 26 16.55 -14.77 29.87
CA ASP A 26 16.84 -16.04 30.56
C ASP A 26 15.63 -16.55 31.34
N ASN A 27 14.65 -15.68 31.57
CA ASN A 27 13.36 -16.09 32.13
C ASN A 27 12.30 -16.51 31.09
N GLN A 28 12.71 -16.68 29.83
CA GLN A 28 11.85 -17.25 28.78
C GLN A 28 10.55 -16.47 28.57
N GLN A 29 10.66 -15.16 28.41
CA GLN A 29 9.47 -14.33 28.14
C GLN A 29 8.95 -14.73 26.75
N PRO A 30 7.72 -15.23 26.66
CA PRO A 30 7.18 -15.74 25.40
C PRO A 30 6.56 -14.67 24.51
N PHE A 31 6.72 -14.83 23.20
CA PHE A 31 6.18 -13.92 22.20
C PHE A 31 5.70 -14.73 21.00
N THR A 32 4.66 -14.21 20.36
CA THR A 32 4.12 -14.76 19.13
C THR A 32 4.76 -14.01 17.98
N PHE A 33 5.32 -14.76 17.02
CA PHE A 33 6.08 -14.17 15.95
C PHE A 33 5.55 -14.55 14.59
N ILE A 34 5.61 -13.60 13.66
CA ILE A 34 5.70 -13.95 12.24
C ILE A 34 7.15 -14.41 12.06
N LEU A 35 7.31 -15.63 11.58
CA LEU A 35 8.62 -16.21 11.29
C LEU A 35 8.84 -15.96 9.81
N ASP A 36 9.80 -15.10 9.50
CA ASP A 36 9.88 -14.37 8.25
C ASP A 36 11.19 -14.61 7.50
N THR A 37 11.15 -15.51 6.52
CA THR A 37 12.30 -15.73 5.64
C THR A 37 12.65 -14.50 4.79
N GLY A 38 11.74 -13.52 4.73
CA GLY A 38 11.96 -12.30 3.97
C GLY A 38 12.57 -11.13 4.72
N SER A 39 13.00 -11.37 5.95
CA SER A 39 13.76 -10.37 6.71
C SER A 39 14.81 -11.07 7.55
N ALA A 40 15.60 -10.29 8.26
CA ALA A 40 16.76 -10.85 8.94
C ALA A 40 17.03 -10.17 10.27
N ASN A 41 15.98 -9.61 10.87
CA ASN A 41 16.06 -9.04 12.21
C ASN A 41 14.99 -9.61 13.10
N LEU A 42 15.33 -9.73 14.37
CA LEU A 42 14.38 -10.17 15.38
C LEU A 42 13.96 -8.93 16.15
N TRP A 43 12.65 -8.75 16.34
CA TRP A 43 12.19 -7.69 17.22
C TRP A 43 10.99 -8.10 18.02
N VAL A 44 10.91 -7.50 19.22
CA VAL A 44 9.78 -7.70 20.13
C VAL A 44 9.41 -6.34 20.69
N PRO A 45 8.12 -6.15 20.98
CA PRO A 45 7.69 -4.87 21.55
C PRO A 45 8.16 -4.82 23.00
N SER A 46 8.65 -3.66 23.42
CA SER A 46 9.25 -3.48 24.73
C SER A 46 8.18 -3.04 25.73
N VAL A 47 8.41 -3.32 27.01
CA VAL A 47 7.60 -2.69 28.05
C VAL A 47 7.72 -1.18 27.97
N LYS A 48 8.80 -0.70 27.38
CA LYS A 48 9.02 0.73 27.14
C LYS A 48 8.22 1.29 25.96
N CYS A 49 7.46 0.44 25.27
CA CYS A 49 6.63 0.89 24.16
C CYS A 49 5.54 1.83 24.68
N THR A 50 5.32 2.90 23.95
CA THR A 50 4.36 3.93 24.32
C THR A 50 3.17 4.00 23.36
N THR A 51 3.23 3.26 22.26
CA THR A 51 2.25 3.39 21.19
C THR A 51 1.11 2.41 21.31
N ALA A 52 -0.02 2.80 20.73
CA ALA A 52 -1.30 2.15 20.97
C ALA A 52 -1.30 0.70 20.53
N GLY A 53 -0.54 0.40 19.47
CA GLY A 53 -0.46 -0.95 18.95
C GLY A 53 0.09 -1.97 19.91
N CYS A 54 0.91 -1.52 20.86
CA CYS A 54 1.46 -2.43 21.87
C CYS A 54 0.45 -2.88 22.92
N LEU A 55 -0.73 -2.26 22.95
CA LEU A 55 -1.68 -2.50 24.03
C LEU A 55 -2.00 -3.98 24.21
N THR A 56 -2.27 -4.70 23.10
CA THR A 56 -2.68 -6.10 23.19
C THR A 56 -1.54 -7.11 23.13
N LYS A 57 -0.30 -6.64 23.22
CA LYS A 57 0.86 -7.49 22.94
C LYS A 57 1.58 -7.97 24.19
N HIS A 58 2.29 -9.09 24.06
CA HIS A 58 3.33 -9.45 25.02
C HIS A 58 4.48 -8.48 24.84
N LEU A 59 5.06 -8.09 25.97
CA LEU A 59 6.07 -7.05 26.02
C LEU A 59 7.32 -7.57 26.72
N TYR A 60 8.47 -7.19 26.19
CA TYR A 60 9.74 -7.62 26.71
C TYR A 60 10.24 -6.66 27.77
N ASP A 61 10.60 -7.22 28.92
CA ASP A 61 11.06 -6.44 30.06
C ASP A 61 12.49 -6.88 30.36
N SER A 62 13.45 -6.05 29.95
CA SER A 62 14.86 -6.35 30.11
C SER A 62 15.29 -6.44 31.58
N SER A 63 14.56 -5.74 32.45
CA SER A 63 14.86 -5.76 33.88
C SER A 63 14.63 -7.12 34.53
N LYS A 64 13.77 -7.93 33.92
CA LYS A 64 13.42 -9.26 34.44
C LYS A 64 14.35 -10.38 33.96
N SER A 65 15.34 -10.04 33.15
CA SER A 65 16.26 -11.03 32.60
C SER A 65 17.70 -10.72 32.99
N ARG A 66 18.34 -11.66 33.68
CA ARG A 66 19.73 -11.50 34.13
C ARG A 66 20.72 -11.46 32.97
N THR A 67 20.40 -12.16 31.88
CA THR A 67 21.29 -12.26 30.72
C THR A 67 21.14 -11.10 29.73
N TYR A 68 20.27 -10.13 30.04
CA TYR A 68 20.15 -8.92 29.25
C TYR A 68 21.48 -8.16 29.22
N GLU A 69 21.88 -7.72 28.04
CA GLU A 69 23.04 -6.86 27.86
C GLU A 69 22.60 -5.63 27.10
N LYS A 70 22.79 -4.47 27.74
CA LYS A 70 22.40 -3.19 27.17
C LYS A 70 23.20 -2.86 25.92
N ASP A 71 22.53 -2.19 24.98
CA ASP A 71 23.16 -1.64 23.80
C ASP A 71 22.58 -0.24 23.63
N GLY A 72 21.32 -0.15 23.19
CA GLY A 72 20.61 1.11 23.12
C GLY A 72 20.74 1.86 21.80
N THR A 73 21.50 1.30 20.86
CA THR A 73 21.67 1.88 19.54
C THR A 73 20.31 1.94 18.88
N LYS A 74 19.91 3.13 18.45
CA LYS A 74 18.60 3.34 17.85
C LYS A 74 18.56 2.70 16.47
N VAL A 75 17.37 2.27 16.06
CA VAL A 75 17.22 1.54 14.83
C VAL A 75 15.77 1.54 14.39
N GLU A 76 15.59 1.68 13.08
CA GLU A 76 14.31 1.61 12.42
C GLU A 76 14.34 0.38 11.51
N MET A 77 13.29 -0.43 11.59
CA MET A 77 13.18 -1.63 10.79
C MET A 77 12.09 -1.39 9.76
N ASN A 78 12.45 -1.47 8.49
CA ASN A 78 11.53 -1.16 7.40
C ASN A 78 11.15 -2.41 6.64
N TYR A 79 9.85 -2.59 6.44
CA TYR A 79 9.31 -3.64 5.62
C TYR A 79 8.46 -3.03 4.53
N VAL A 80 8.14 -3.82 3.52
CA VAL A 80 7.23 -3.38 2.48
C VAL A 80 5.92 -2.91 3.12
N SER A 81 5.45 -3.64 4.12
CA SER A 81 4.15 -3.36 4.74
C SER A 81 4.17 -2.39 5.92
N GLY A 82 5.34 -1.91 6.33
CA GLY A 82 5.39 -0.98 7.43
C GLY A 82 6.71 -0.90 8.15
N THR A 83 6.71 -0.10 9.21
CA THR A 83 7.93 0.27 9.91
C THR A 83 7.71 0.23 11.41
N VAL A 84 8.70 -0.29 12.12
CA VAL A 84 8.74 -0.20 13.57
C VAL A 84 10.10 0.33 13.98
N SER A 85 10.19 0.94 15.16
CA SER A 85 11.47 1.47 15.59
C SER A 85 11.68 1.28 17.08
N GLY A 86 12.95 1.32 17.47
CA GLY A 86 13.31 1.22 18.86
C GLY A 86 14.81 1.21 18.97
N PHE A 87 15.36 0.22 19.66
CA PHE A 87 16.79 0.16 19.92
C PHE A 87 17.26 -1.27 20.10
N PHE A 88 18.54 -1.49 19.84
CA PHE A 88 19.11 -2.81 19.97
C PHE A 88 19.33 -3.19 21.42
N SER A 89 19.13 -4.46 21.69
CA SER A 89 19.48 -5.10 22.95
C SER A 89 20.00 -6.48 22.63
N LYS A 90 20.58 -7.13 23.64
CA LYS A 90 21.04 -8.50 23.49
C LYS A 90 20.53 -9.31 24.66
N ASP A 91 20.02 -10.50 24.37
CA ASP A 91 19.55 -11.42 25.40
C ASP A 91 19.46 -12.82 24.85
N LEU A 92 19.21 -13.77 25.74
CA LEU A 92 18.99 -15.15 25.36
C LEU A 92 17.71 -15.27 24.53
N VAL A 93 17.84 -15.78 23.32
CA VAL A 93 16.69 -16.07 22.47
C VAL A 93 16.55 -17.56 22.42
N THR A 94 15.34 -18.03 22.67
CA THR A 94 15.07 -19.45 22.69
C THR A 94 14.05 -19.79 21.60
N VAL A 95 14.49 -20.57 20.62
CA VAL A 95 13.63 -21.07 19.56
C VAL A 95 13.55 -22.59 19.70
N GLY A 96 12.36 -23.11 19.97
CA GLY A 96 12.21 -24.47 20.45
C GLY A 96 12.85 -24.57 21.82
N ASN A 97 13.66 -25.60 22.04
CA ASN A 97 14.55 -25.63 23.22
C ASN A 97 16.01 -25.46 22.81
N LEU A 98 16.24 -24.79 21.68
CA LEU A 98 17.55 -24.28 21.30
C LEU A 98 17.64 -22.84 21.79
N SER A 99 18.80 -22.42 22.25
CA SER A 99 18.96 -21.05 22.73
C SER A 99 20.34 -20.47 22.49
N LEU A 100 20.40 -19.13 22.37
CA LEU A 100 21.66 -18.42 22.19
C LEU A 100 21.53 -16.95 22.55
N PRO A 101 22.61 -16.35 23.05
CA PRO A 101 22.69 -14.89 23.15
C PRO A 101 22.52 -14.29 21.77
N TYR A 102 21.69 -13.27 21.64
CA TYR A 102 21.32 -12.75 20.33
C TYR A 102 20.95 -11.27 20.36
N LYS A 103 21.42 -10.55 19.36
CA LYS A 103 21.11 -9.14 19.17
C LYS A 103 19.72 -9.05 18.53
N PHE A 104 18.84 -8.26 19.12
CA PHE A 104 17.48 -8.05 18.62
C PHE A 104 17.05 -6.61 18.88
N ILE A 105 15.87 -6.24 18.39
CA ILE A 105 15.40 -4.87 18.52
C ILE A 105 14.26 -4.85 19.52
N GLU A 106 14.39 -4.00 20.53
CA GLU A 106 13.28 -3.65 21.41
C GLU A 106 12.51 -2.53 20.77
N VAL A 107 11.30 -2.83 20.33
CA VAL A 107 10.49 -1.85 19.63
C VAL A 107 9.71 -1.04 20.62
N ILE A 108 9.77 0.27 20.48
CA ILE A 108 9.02 1.20 21.36
C ILE A 108 8.00 2.04 20.61
N ASP A 109 8.00 1.95 19.29
CA ASP A 109 7.13 2.75 18.44
C ASP A 109 6.62 1.89 17.29
N THR A 110 5.32 1.59 17.31
CA THR A 110 4.70 0.74 16.29
C THR A 110 3.72 1.50 15.39
N ASN A 111 3.64 2.82 15.51
CA ASN A 111 2.69 3.61 14.73
C ASN A 111 2.89 3.54 13.21
N GLY A 112 4.11 3.28 12.76
CA GLY A 112 4.41 3.10 11.34
C GLY A 112 4.02 1.74 10.79
N PHE A 113 3.45 0.89 11.63
CA PHE A 113 3.06 -0.47 11.25
C PHE A 113 1.56 -0.68 11.44
N GLU A 114 0.79 0.40 11.39
CA GLU A 114 -0.67 0.32 11.50
C GLU A 114 -1.34 0.50 10.13
N PRO A 115 -2.51 -0.09 9.90
CA PRO A 115 -3.32 -0.81 10.88
C PRO A 115 -2.91 -2.27 11.15
N THR A 116 -1.93 -2.79 10.43
CA THR A 116 -1.58 -4.21 10.51
C THR A 116 -1.32 -4.72 11.92
N TYR A 117 -0.51 -3.99 12.67
CA TYR A 117 -0.05 -4.47 13.94
C TYR A 117 -1.21 -4.63 14.93
N THR A 118 -2.05 -3.60 15.00
CA THR A 118 -3.20 -3.62 15.90
C THR A 118 -4.24 -4.66 15.47
N ALA A 119 -4.36 -4.87 14.17
CA ALA A 119 -5.33 -5.80 13.59
C ALA A 119 -4.88 -7.26 13.67
N SER A 120 -3.64 -7.49 14.10
CA SER A 120 -3.07 -8.82 14.10
C SER A 120 -2.75 -9.28 15.52
N THR A 121 -2.50 -10.56 15.70
CA THR A 121 -2.22 -11.07 17.03
C THR A 121 -0.77 -11.55 17.25
N PHE A 122 0.12 -11.23 16.32
CA PHE A 122 1.55 -11.45 16.58
C PHE A 122 2.13 -10.29 17.39
N ASP A 123 3.19 -10.57 18.14
CA ASP A 123 3.92 -9.56 18.90
C ASP A 123 5.08 -8.97 18.14
N GLY A 124 5.86 -9.83 17.48
CA GLY A 124 7.04 -9.39 16.78
C GLY A 124 7.33 -10.19 15.54
N ILE A 125 8.49 -9.93 14.95
CA ILE A 125 8.90 -10.62 13.73
C ILE A 125 10.26 -11.22 14.01
N LEU A 126 10.44 -12.46 13.57
CA LEU A 126 11.69 -13.19 13.72
C LEU A 126 12.15 -13.48 12.31
N GLY A 127 13.17 -12.72 11.85
CA GLY A 127 13.71 -12.84 10.52
C GLY A 127 14.54 -14.11 10.38
N LEU A 128 14.49 -14.70 9.19
CA LEU A 128 15.18 -15.94 8.91
C LEU A 128 15.90 -15.87 7.56
N GLY A 129 16.32 -14.67 7.18
CA GLY A 129 17.02 -14.41 5.94
C GLY A 129 18.52 -14.40 6.19
N TRP A 130 19.25 -13.76 5.31
CA TRP A 130 20.71 -13.76 5.34
C TRP A 130 21.24 -12.49 5.97
N LYS A 131 22.49 -12.52 6.43
CA LYS A 131 23.06 -11.38 7.15
C LYS A 131 23.00 -10.04 6.40
N ASP A 132 23.22 -10.04 5.08
CA ASP A 132 23.23 -8.80 4.32
C ASP A 132 21.86 -8.11 4.27
N LEU A 133 20.81 -8.86 4.58
CA LEU A 133 19.44 -8.33 4.63
C LEU A 133 19.14 -7.68 5.99
N SER A 134 19.99 -7.99 6.97
CA SER A 134 19.81 -7.47 8.32
C SER A 134 20.21 -5.99 8.41
N ILE A 135 19.61 -5.31 9.39
CA ILE A 135 20.11 -4.04 9.88
C ILE A 135 20.93 -4.39 11.12
N GLY A 136 22.08 -3.75 11.26
CA GLY A 136 22.96 -3.97 12.40
C GLY A 136 23.89 -5.16 12.26
N SER A 137 24.09 -5.63 11.02
CA SER A 137 25.02 -6.72 10.68
C SER A 137 24.89 -7.91 11.63
N VAL A 138 23.69 -8.47 11.67
CA VAL A 138 23.38 -9.56 12.55
C VAL A 138 23.50 -10.89 11.82
N ASP A 139 24.32 -11.78 12.35
CA ASP A 139 24.39 -13.14 11.85
C ASP A 139 23.06 -13.82 12.11
N PRO A 140 22.51 -14.54 11.12
CA PRO A 140 21.25 -15.24 11.31
C PRO A 140 21.28 -16.23 12.46
N ILE A 141 20.15 -16.37 13.14
CA ILE A 141 20.00 -17.29 14.26
C ILE A 141 20.49 -18.70 13.94
N VAL A 142 20.02 -19.25 12.82
CA VAL A 142 20.33 -20.62 12.46
C VAL A 142 21.83 -20.76 12.09
N VAL A 143 22.42 -19.71 11.52
CA VAL A 143 23.85 -19.69 11.19
C VAL A 143 24.70 -19.66 12.48
N GLU A 144 24.34 -18.76 13.39
CA GLU A 144 25.03 -18.64 14.68
C GLU A 144 24.93 -19.93 15.46
N LEU A 145 23.76 -20.55 15.45
CA LEU A 145 23.53 -21.78 16.20
C LEU A 145 24.43 -22.89 15.69
N LYS A 146 24.61 -22.96 14.37
CA LYS A 146 25.50 -23.95 13.80
C LYS A 146 26.96 -23.56 14.04
N ASN A 147 27.27 -22.25 14.03
CA ASN A 147 28.62 -21.76 14.31
C ASN A 147 29.01 -22.06 15.74
N GLN A 148 28.02 -22.12 16.62
CA GLN A 148 28.21 -22.45 18.03
C GLN A 148 27.97 -23.93 18.25
N ASN A 149 27.74 -24.66 17.16
CA ASN A 149 27.64 -26.12 17.18
C ASN A 149 26.46 -26.67 17.96
N LYS A 150 25.36 -25.91 17.99
CA LYS A 150 24.13 -26.30 18.68
C LYS A 150 23.14 -27.08 17.79
N ILE A 151 23.36 -27.04 16.48
CA ILE A 151 22.61 -27.86 15.55
C ILE A 151 23.53 -28.52 14.52
N GLU A 152 23.06 -29.62 13.96
CA GLU A 152 23.83 -30.42 12.98
C GLU A 152 24.07 -29.62 11.69
N ASN A 153 22.99 -29.07 11.16
CA ASN A 153 23.00 -28.38 9.88
C ASN A 153 22.41 -26.98 10.03
N ALA A 154 23.06 -26.00 9.41
CA ALA A 154 22.53 -24.63 9.33
C ALA A 154 21.45 -24.59 8.28
N LEU A 155 20.31 -25.19 8.62
CA LEU A 155 19.13 -25.18 7.77
C LEU A 155 17.89 -25.17 8.62
N PHE A 156 16.82 -24.66 8.05
CA PHE A 156 15.53 -24.83 8.66
C PHE A 156 14.52 -25.14 7.58
N THR A 157 13.34 -25.51 8.02
CA THR A 157 12.37 -26.17 7.21
C THR A 157 10.99 -25.64 7.60
N PHE A 158 10.13 -25.38 6.61
CA PHE A 158 8.76 -24.95 6.88
C PHE A 158 7.71 -25.92 6.36
N TYR A 159 6.84 -26.38 7.25
CA TYR A 159 5.66 -27.15 6.91
C TYR A 159 4.47 -26.37 7.43
N LEU A 160 3.69 -25.77 6.54
CA LEU A 160 2.72 -24.76 6.95
C LEU A 160 1.45 -25.41 7.47
N PRO A 161 0.81 -24.78 8.46
CA PRO A 161 -0.43 -25.30 9.00
C PRO A 161 -1.56 -25.11 8.00
N VAL A 162 -2.59 -25.93 8.11
CA VAL A 162 -3.82 -25.77 7.36
C VAL A 162 -4.97 -25.73 8.39
N HIS A 163 -5.80 -24.70 8.30
CA HIS A 163 -6.71 -24.35 9.39
C HIS A 163 -7.50 -25.52 9.96
N ASP A 164 -8.36 -26.13 9.13
CA ASP A 164 -9.24 -27.20 9.61
C ASP A 164 -8.53 -28.55 9.82
N LYS A 165 -7.36 -28.70 9.19
CA LYS A 165 -6.69 -30.00 9.12
C LYS A 165 -5.61 -30.24 10.19
N HIS A 166 -4.49 -29.51 10.10
CA HIS A 166 -3.32 -29.78 10.92
C HIS A 166 -2.49 -28.54 11.27
N THR A 167 -1.70 -28.63 12.34
CA THR A 167 -0.73 -27.58 12.65
C THR A 167 0.47 -27.71 11.71
N GLY A 168 1.36 -26.73 11.79
CA GLY A 168 2.56 -26.72 10.99
C GLY A 168 3.79 -26.74 11.89
N PHE A 169 4.96 -26.82 11.28
CA PHE A 169 6.21 -26.75 12.02
C PHE A 169 7.29 -26.00 11.29
N LEU A 170 8.00 -25.17 12.03
CA LEU A 170 9.31 -24.69 11.66
C LEU A 170 10.29 -25.67 12.32
N THR A 171 11.06 -26.38 11.51
CA THR A 171 12.04 -27.34 12.01
C THR A 171 13.42 -26.76 11.81
N ILE A 172 14.22 -26.74 12.87
CA ILE A 172 15.57 -26.20 12.81
C ILE A 172 16.56 -27.36 12.92
N GLY A 173 17.55 -27.39 12.04
CA GLY A 173 18.70 -28.28 12.15
C GLY A 173 18.71 -29.52 11.27
N GLY A 174 17.54 -29.91 10.76
CA GLY A 174 17.44 -31.11 9.94
C GLY A 174 16.14 -31.23 9.19
N ILE A 175 16.13 -32.16 8.24
CA ILE A 175 14.98 -32.37 7.37
C ILE A 175 14.26 -33.63 7.79
N GLU A 176 12.94 -33.55 7.88
CA GLU A 176 12.12 -34.68 8.29
C GLU A 176 11.20 -35.11 7.17
N GLU A 177 11.30 -36.38 6.80
CA GLU A 177 10.58 -36.97 5.68
C GLU A 177 9.07 -36.93 5.84
N ARG A 178 8.60 -36.90 7.08
CA ARG A 178 7.17 -36.91 7.39
C ARG A 178 6.39 -35.73 6.77
N PHE A 179 7.11 -34.65 6.47
CA PHE A 179 6.46 -33.40 6.04
C PHE A 179 6.20 -33.32 4.54
N TYR A 180 6.83 -34.17 3.75
CA TYR A 180 6.70 -34.07 2.30
C TYR A 180 6.62 -35.43 1.61
N GLU A 181 6.04 -35.44 0.41
CA GLU A 181 5.99 -36.65 -0.40
C GLU A 181 6.80 -36.43 -1.67
N GLY A 182 7.30 -37.53 -2.22
CA GLY A 182 8.19 -37.44 -3.36
C GLY A 182 9.53 -36.86 -2.95
N PRO A 183 10.37 -36.58 -3.93
CA PRO A 183 11.72 -36.08 -3.69
C PRO A 183 11.80 -34.57 -3.48
N LEU A 184 12.82 -34.16 -2.74
CA LEU A 184 13.20 -32.76 -2.64
C LEU A 184 13.98 -32.38 -3.88
N THR A 185 13.72 -31.18 -4.37
CA THR A 185 14.52 -30.58 -5.42
C THR A 185 15.16 -29.32 -4.90
N TYR A 186 16.47 -29.17 -5.10
CA TYR A 186 17.20 -28.02 -4.62
C TYR A 186 17.51 -26.99 -5.70
N GLU A 187 17.28 -25.73 -5.35
CA GLU A 187 17.56 -24.59 -6.19
C GLU A 187 18.56 -23.68 -5.49
N LYS A 188 19.67 -23.39 -6.16
CA LYS A 188 20.69 -22.51 -5.61
C LYS A 188 20.25 -21.07 -5.56
N LEU A 189 20.59 -20.39 -4.47
CA LEU A 189 20.34 -18.97 -4.33
C LEU A 189 21.14 -18.20 -5.37
N ASN A 190 20.51 -17.20 -5.98
CA ASN A 190 21.22 -16.31 -6.88
C ASN A 190 21.96 -15.21 -6.10
N HIS A 191 21.53 -14.97 -4.86
CA HIS A 191 22.19 -14.05 -3.93
C HIS A 191 21.91 -14.50 -2.49
N ASP A 192 22.85 -14.24 -1.59
CA ASP A 192 22.66 -14.48 -0.16
C ASP A 192 22.07 -13.20 0.43
N LEU A 193 20.75 -13.06 0.34
CA LEU A 193 20.09 -11.85 0.84
C LEU A 193 18.70 -12.28 1.32
N TYR A 194 17.72 -12.30 0.43
CA TYR A 194 16.51 -13.06 0.64
C TYR A 194 16.82 -14.49 0.26
N TRP A 195 15.90 -15.39 0.52
CA TRP A 195 15.95 -16.72 -0.04
C TRP A 195 15.42 -16.62 -1.47
N GLN A 196 16.30 -16.22 -2.37
CA GLN A 196 15.92 -15.85 -3.72
C GLN A 196 16.60 -16.75 -4.73
N ILE A 197 15.78 -17.35 -5.58
CA ILE A 197 16.22 -18.32 -6.59
C ILE A 197 15.72 -17.88 -7.96
N THR A 198 16.34 -18.41 -9.00
CA THR A 198 16.02 -18.04 -10.36
C THR A 198 15.17 -19.13 -10.97
N LEU A 199 13.97 -18.76 -11.41
CA LEU A 199 13.04 -19.69 -12.04
C LEU A 199 12.37 -18.99 -13.21
N ASP A 200 12.12 -19.72 -14.29
CA ASP A 200 11.24 -19.24 -15.33
C ASP A 200 9.81 -19.26 -14.78
N ALA A 201 9.08 -18.16 -14.98
CA ALA A 201 7.70 -18.05 -14.50
C ALA A 201 6.74 -18.02 -15.69
N HIS A 202 5.75 -18.91 -15.68
CA HIS A 202 4.85 -19.11 -16.82
C HIS A 202 3.42 -19.18 -16.30
N VAL A 203 2.50 -18.38 -16.84
CA VAL A 203 1.10 -18.50 -16.43
C VAL A 203 0.17 -18.67 -17.62
N GLY A 204 0.07 -17.68 -18.48
CA GLY A 204 -0.82 -17.82 -19.63
C GLY A 204 -0.03 -18.47 -20.74
N ASN A 205 0.03 -17.75 -21.85
CA ASN A 205 1.17 -17.85 -22.75
C ASN A 205 2.18 -16.77 -22.37
N ILE A 206 2.12 -16.33 -21.10
CA ILE A 206 2.98 -15.28 -20.59
C ILE A 206 4.15 -15.96 -19.88
N MET A 207 5.36 -15.58 -20.25
CA MET A 207 6.58 -16.16 -19.71
C MET A 207 7.53 -15.05 -19.31
N LEU A 208 8.08 -15.16 -18.11
CA LEU A 208 9.18 -14.33 -17.67
C LEU A 208 10.32 -15.28 -17.37
N GLU A 209 11.32 -15.32 -18.25
CA GLU A 209 12.45 -16.22 -18.07
C GLU A 209 13.38 -15.70 -16.97
N LYS A 210 13.93 -16.60 -16.17
CA LYS A 210 14.96 -16.24 -15.19
C LYS A 210 14.48 -15.15 -14.24
N ALA A 211 13.22 -15.28 -13.82
CA ALA A 211 12.65 -14.41 -12.80
C ALA A 211 13.31 -14.65 -11.46
N ASN A 212 13.52 -13.58 -10.72
CA ASN A 212 13.97 -13.65 -9.34
C ASN A 212 12.79 -14.04 -8.50
N CYS A 213 12.88 -15.15 -7.80
CA CYS A 213 11.77 -15.64 -6.97
C CYS A 213 12.21 -15.69 -5.52
N ILE A 214 11.54 -14.91 -4.67
CA ILE A 214 11.83 -14.84 -3.26
C ILE A 214 10.86 -15.74 -2.52
N VAL A 215 11.39 -16.68 -1.73
CA VAL A 215 10.55 -17.57 -0.98
C VAL A 215 10.40 -16.91 0.38
N ASP A 216 9.19 -16.41 0.66
CA ASP A 216 8.98 -15.54 1.80
C ASP A 216 7.80 -15.97 2.66
N SER A 217 8.11 -16.59 3.79
CA SER A 217 7.10 -17.01 4.74
C SER A 217 6.31 -15.85 5.35
N GLY A 218 6.88 -14.65 5.35
CA GLY A 218 6.25 -13.47 5.91
C GLY A 218 5.46 -12.64 4.91
N THR A 219 5.20 -13.21 3.73
CA THR A 219 4.31 -12.56 2.76
C THR A 219 3.07 -13.43 2.63
N SER A 220 1.89 -12.82 2.75
CA SER A 220 0.62 -13.56 2.78
C SER A 220 0.11 -13.91 1.39
N ALA A 221 0.67 -13.28 0.36
CA ALA A 221 0.21 -13.45 -1.01
C ALA A 221 1.31 -14.01 -1.91
N ILE A 222 0.93 -14.28 -3.15
CA ILE A 222 1.89 -14.33 -4.23
C ILE A 222 1.97 -12.92 -4.77
N THR A 223 3.20 -12.46 -4.94
CA THR A 223 3.51 -11.14 -5.40
C THR A 223 4.09 -11.33 -6.81
N VAL A 224 3.64 -10.55 -7.78
CA VAL A 224 3.96 -10.76 -9.19
C VAL A 224 4.34 -9.40 -9.80
N PRO A 225 5.23 -9.35 -10.77
CA PRO A 225 5.50 -8.08 -11.45
C PRO A 225 4.20 -7.49 -12.00
N THR A 226 4.02 -6.18 -11.90
CA THR A 226 2.73 -5.59 -12.26
C THR A 226 2.36 -5.82 -13.71
N ASP A 227 3.34 -5.74 -14.60
CA ASP A 227 3.08 -5.99 -16.02
C ASP A 227 2.61 -7.41 -16.25
N PHE A 228 3.30 -8.36 -15.64
CA PHE A 228 2.92 -9.77 -15.68
C PHE A 228 1.49 -9.97 -15.19
N LEU A 229 1.13 -9.35 -14.07
CA LEU A 229 -0.20 -9.49 -13.51
C LEU A 229 -1.27 -8.96 -14.45
N ASN A 230 -1.00 -7.78 -15.00
CA ASN A 230 -1.93 -7.12 -15.92
C ASN A 230 -2.20 -8.01 -17.15
N LYS A 231 -1.14 -8.57 -17.71
CA LYS A 231 -1.30 -9.47 -18.86
C LYS A 231 -2.01 -10.77 -18.45
N MET A 232 -1.64 -11.31 -17.30
CA MET A 232 -2.31 -12.48 -16.74
C MET A 232 -3.83 -12.36 -16.73
N LEU A 233 -4.31 -11.21 -16.29
CA LEU A 233 -5.72 -11.00 -16.01
C LEU A 233 -6.55 -10.54 -17.21
N GLN A 234 -5.92 -10.35 -18.37
CA GLN A 234 -6.58 -9.72 -19.53
C GLN A 234 -8.00 -10.22 -19.81
N ASN A 235 -8.12 -11.48 -20.21
CA ASN A 235 -9.41 -12.05 -20.57
C ASN A 235 -9.74 -13.19 -19.62
N LEU A 236 -9.65 -12.92 -18.33
CA LEU A 236 -9.79 -13.96 -17.32
C LEU A 236 -11.13 -13.92 -16.60
N ASP A 237 -11.96 -12.91 -16.88
CA ASP A 237 -13.21 -12.70 -16.14
C ASP A 237 -12.96 -12.52 -14.64
N VAL A 238 -11.90 -11.80 -14.34
CA VAL A 238 -11.60 -11.35 -12.99
C VAL A 238 -11.89 -9.87 -12.90
N ILE A 239 -12.61 -9.46 -11.86
CA ILE A 239 -12.89 -8.05 -11.61
C ILE A 239 -11.82 -7.43 -10.72
N LYS A 240 -11.10 -6.44 -11.22
CA LYS A 240 -10.25 -5.64 -10.35
C LYS A 240 -11.09 -4.47 -9.87
N VAL A 241 -11.34 -4.41 -8.57
CA VAL A 241 -12.11 -3.30 -8.02
C VAL A 241 -11.26 -2.04 -8.21
N PRO A 242 -11.80 -1.00 -8.86
CA PRO A 242 -11.01 0.18 -9.18
C PRO A 242 -10.20 0.73 -8.00
N PHE A 243 -8.91 0.92 -8.26
CA PHE A 243 -7.91 1.45 -7.32
C PHE A 243 -7.56 0.57 -6.13
N LEU A 244 -8.05 -0.66 -6.12
CA LEU A 244 -7.75 -1.63 -5.08
C LEU A 244 -7.01 -2.83 -5.65
N PRO A 245 -6.08 -3.39 -4.88
CA PRO A 245 -5.49 -4.69 -5.20
C PRO A 245 -6.44 -5.82 -4.77
N PHE A 246 -7.65 -5.79 -5.31
CA PHE A 246 -8.72 -6.66 -4.91
C PHE A 246 -9.31 -7.24 -6.18
N TYR A 247 -9.03 -8.51 -6.40
CA TYR A 247 -9.29 -9.19 -7.65
C TYR A 247 -10.31 -10.29 -7.37
N VAL A 248 -11.52 -10.12 -7.88
CA VAL A 248 -12.66 -10.98 -7.55
C VAL A 248 -13.02 -11.86 -8.75
N THR A 249 -13.32 -13.13 -8.47
CA THR A 249 -13.64 -14.09 -9.51
C THR A 249 -14.62 -15.10 -8.97
N LEU A 250 -15.36 -15.75 -9.86
CA LEU A 250 -16.07 -16.96 -9.50
C LEU A 250 -15.00 -17.98 -9.12
N CYS A 251 -15.17 -18.67 -8.00
CA CYS A 251 -14.24 -19.73 -7.58
C CYS A 251 -14.08 -20.77 -8.67
N ASN A 252 -15.19 -21.06 -9.36
CA ASN A 252 -15.25 -22.07 -10.40
C ASN A 252 -15.05 -21.52 -11.82
N ASN A 253 -14.54 -20.30 -11.91
CA ASN A 253 -14.05 -19.71 -13.16
C ASN A 253 -13.10 -20.68 -13.88
N SER A 254 -13.53 -21.19 -15.03
CA SER A 254 -12.75 -22.19 -15.77
C SER A 254 -11.48 -21.63 -16.43
N LYS A 255 -11.38 -20.32 -16.54
CA LYS A 255 -10.24 -19.66 -17.17
C LYS A 255 -9.02 -19.47 -16.27
N LEU A 256 -9.16 -19.69 -14.97
CA LEU A 256 -8.08 -19.36 -14.05
C LEU A 256 -6.88 -20.27 -14.31
N PRO A 257 -5.72 -19.67 -14.56
CA PRO A 257 -4.54 -20.42 -14.97
C PRO A 257 -3.76 -20.97 -13.79
N THR A 258 -2.80 -21.81 -14.11
CA THR A 258 -1.90 -22.39 -13.12
C THR A 258 -0.54 -21.75 -13.30
N PHE A 259 0.00 -21.20 -12.21
CA PHE A 259 1.37 -20.71 -12.21
C PHE A 259 2.31 -21.88 -12.37
N GLU A 260 3.34 -21.67 -13.17
CA GLU A 260 4.33 -22.71 -13.41
C GLU A 260 5.70 -22.07 -13.30
N PHE A 261 6.47 -22.48 -12.29
CA PHE A 261 7.82 -21.98 -12.08
C PHE A 261 8.76 -23.14 -12.34
N THR A 262 9.72 -22.95 -13.25
CA THR A 262 10.58 -24.06 -13.68
C THR A 262 12.07 -23.71 -13.63
N SER A 263 12.86 -24.73 -13.33
CA SER A 263 14.30 -24.70 -13.54
C SER A 263 14.68 -25.96 -14.31
N GLU A 264 15.96 -26.14 -14.55
CA GLU A 264 16.51 -27.43 -15.01
C GLU A 264 16.19 -28.57 -14.04
N ASN A 265 16.17 -28.26 -12.74
CA ASN A 265 16.00 -29.27 -11.70
C ASN A 265 14.54 -29.70 -11.46
N GLY A 266 13.62 -28.78 -11.65
CA GLY A 266 12.27 -29.00 -11.17
C GLY A 266 11.20 -28.12 -11.75
N LYS A 267 9.97 -28.48 -11.47
CA LYS A 267 8.80 -27.73 -11.93
C LYS A 267 7.84 -27.63 -10.75
N TYR A 268 7.48 -26.40 -10.40
CA TYR A 268 6.61 -26.12 -9.27
C TYR A 268 5.39 -25.38 -9.78
N THR A 269 4.20 -25.88 -9.47
CA THR A 269 2.99 -25.25 -9.98
C THR A 269 2.12 -24.75 -8.86
N LEU A 270 1.34 -23.72 -9.15
CA LEU A 270 0.39 -23.20 -8.19
C LEU A 270 -0.94 -23.05 -8.90
N GLU A 271 -1.80 -24.01 -8.65
CA GLU A 271 -3.11 -24.10 -9.26
C GLU A 271 -4.04 -23.10 -8.54
N PRO A 272 -5.16 -22.73 -9.16
CA PRO A 272 -6.12 -21.81 -8.54
C PRO A 272 -6.50 -22.20 -7.11
N GLU A 273 -6.66 -23.49 -6.80
CA GLU A 273 -7.05 -23.87 -5.45
C GLU A 273 -6.08 -23.33 -4.39
N TYR A 274 -4.82 -23.10 -4.78
CA TYR A 274 -3.82 -22.58 -3.85
C TYR A 274 -3.72 -21.06 -3.78
N TYR A 275 -4.06 -20.34 -4.86
CA TYR A 275 -3.97 -18.88 -4.81
C TYR A 275 -5.33 -18.17 -4.66
N LEU A 276 -6.42 -18.92 -4.66
CA LEU A 276 -7.74 -18.34 -4.43
C LEU A 276 -8.12 -18.38 -2.95
N GLN A 277 -8.76 -17.32 -2.49
CA GLN A 277 -9.32 -17.29 -1.15
C GLN A 277 -10.83 -17.11 -1.29
N HIS A 278 -11.60 -17.96 -0.62
CA HIS A 278 -13.05 -17.82 -0.65
C HIS A 278 -13.45 -16.52 0.04
N ILE A 279 -14.42 -15.84 -0.55
CA ILE A 279 -15.06 -14.68 0.07
C ILE A 279 -16.56 -14.83 -0.07
N GLU A 280 -17.06 -15.96 0.41
CA GLU A 280 -18.49 -16.27 0.35
C GLU A 280 -19.36 -15.20 1.00
N ASP A 281 -18.88 -14.57 2.07
CA ASP A 281 -19.61 -13.49 2.76
C ASP A 281 -19.74 -12.22 1.91
N VAL A 282 -18.85 -12.06 0.93
CA VAL A 282 -18.97 -10.98 -0.04
C VAL A 282 -20.07 -11.32 -1.05
N GLY A 283 -20.00 -12.53 -1.59
CA GLY A 283 -21.03 -13.05 -2.47
C GLY A 283 -20.91 -14.55 -2.71
N PRO A 284 -22.02 -15.20 -3.04
CA PRO A 284 -21.99 -16.65 -3.28
C PRO A 284 -21.06 -17.06 -4.41
N GLY A 285 -20.26 -18.10 -4.12
CA GLY A 285 -19.36 -18.67 -5.08
C GLY A 285 -18.21 -17.76 -5.46
N LEU A 286 -17.96 -16.71 -4.68
CA LEU A 286 -16.91 -15.76 -5.01
C LEU A 286 -15.62 -16.08 -4.29
N CYS A 287 -14.53 -15.79 -4.99
CA CYS A 287 -13.18 -15.89 -4.46
C CYS A 287 -12.43 -14.61 -4.80
N MET A 288 -11.33 -14.35 -4.09
CA MET A 288 -10.40 -13.32 -4.48
C MET A 288 -9.08 -14.01 -4.83
N LEU A 289 -8.37 -13.44 -5.78
CA LEU A 289 -7.02 -13.89 -6.08
C LEU A 289 -6.11 -13.31 -5.02
N ASN A 290 -5.42 -14.19 -4.32
CA ASN A 290 -4.46 -13.79 -3.31
C ASN A 290 -3.12 -13.49 -3.97
N ILE A 291 -3.14 -12.46 -4.78
CA ILE A 291 -2.02 -12.05 -5.62
C ILE A 291 -2.03 -10.54 -5.63
N ILE A 292 -0.83 -9.94 -5.65
CA ILE A 292 -0.72 -8.51 -5.78
C ILE A 292 0.43 -8.23 -6.73
N GLY A 293 0.36 -7.08 -7.40
CA GLY A 293 1.41 -6.61 -8.26
C GLY A 293 2.40 -5.82 -7.44
N LEU A 294 3.68 -6.15 -7.59
CA LEU A 294 4.73 -5.47 -6.87
C LEU A 294 6.00 -5.50 -7.70
N ASP A 295 6.57 -4.33 -7.96
CA ASP A 295 7.76 -4.22 -8.78
C ASP A 295 9.01 -3.95 -7.94
N PHE A 296 10.00 -4.79 -8.13
CA PHE A 296 11.33 -4.62 -7.55
C PHE A 296 12.21 -4.08 -8.66
N PRO A 297 13.43 -3.64 -8.36
CA PRO A 297 14.35 -3.18 -9.40
C PRO A 297 14.56 -4.22 -10.51
N VAL A 298 14.61 -5.49 -10.11
CA VAL A 298 14.66 -6.60 -11.04
C VAL A 298 13.31 -7.32 -10.94
N PRO A 299 12.75 -7.77 -12.07
CA PRO A 299 11.47 -8.50 -12.06
C PRO A 299 11.49 -9.67 -11.09
N THR A 300 10.57 -9.63 -10.13
CA THR A 300 10.61 -10.51 -8.97
C THR A 300 9.22 -11.01 -8.65
N PHE A 301 9.15 -12.29 -8.31
CA PHE A 301 7.98 -12.89 -7.69
C PHE A 301 8.31 -13.13 -6.24
N ILE A 302 7.38 -12.81 -5.35
CA ILE A 302 7.46 -13.34 -4.00
C ILE A 302 6.56 -14.55 -3.92
N LEU A 303 7.19 -15.70 -3.74
CA LEU A 303 6.48 -16.93 -3.44
C LEU A 303 6.20 -16.97 -1.94
N GLY A 304 5.06 -16.40 -1.56
CA GLY A 304 4.69 -16.29 -0.17
C GLY A 304 3.97 -17.51 0.36
N ASP A 305 3.18 -17.28 1.39
CA ASP A 305 2.51 -18.36 2.08
C ASP A 305 1.70 -19.29 1.19
N PRO A 306 1.02 -18.79 0.15
CA PRO A 306 0.25 -19.70 -0.72
C PRO A 306 1.11 -20.75 -1.40
N PHE A 307 2.31 -20.37 -1.84
CA PHE A 307 3.28 -21.33 -2.38
C PHE A 307 3.74 -22.32 -1.31
N MET A 308 4.11 -21.81 -0.15
CA MET A 308 4.65 -22.61 0.94
C MET A 308 3.60 -23.52 1.56
N ARG A 309 2.33 -23.20 1.35
CA ARG A 309 1.26 -24.05 1.85
C ARG A 309 1.20 -25.33 1.03
N LYS A 310 1.49 -25.23 -0.28
CA LYS A 310 1.54 -26.38 -1.15
C LYS A 310 2.86 -27.14 -1.03
N TYR A 311 3.95 -26.38 -1.02
CA TYR A 311 5.29 -26.98 -1.04
C TYR A 311 6.01 -26.81 0.28
N PHE A 312 6.36 -27.95 0.87
CA PHE A 312 7.37 -28.02 1.93
C PHE A 312 8.66 -27.37 1.45
N THR A 313 9.30 -26.56 2.29
CA THR A 313 10.50 -25.83 1.88
C THR A 313 11.65 -25.99 2.87
N VAL A 314 12.84 -26.16 2.31
CA VAL A 314 14.07 -26.29 3.06
C VAL A 314 14.96 -25.10 2.74
N PHE A 315 15.44 -24.44 3.78
CA PHE A 315 16.25 -23.24 3.67
C PHE A 315 17.62 -23.60 4.21
N ASP A 316 18.56 -23.78 3.30
CA ASP A 316 19.83 -24.38 3.64
C ASP A 316 20.94 -23.34 3.48
N TYR A 317 21.42 -22.81 4.61
CA TYR A 317 22.48 -21.81 4.60
C TYR A 317 23.83 -22.40 4.18
N ASP A 318 24.12 -23.60 4.67
CA ASP A 318 25.41 -24.27 4.41
C ASP A 318 25.63 -24.43 2.91
N ASN A 319 24.55 -24.80 2.23
CA ASN A 319 24.59 -25.15 0.81
C ASN A 319 23.96 -24.08 -0.09
N HIS A 320 23.56 -22.96 0.53
CA HIS A 320 23.06 -21.79 -0.17
C HIS A 320 21.96 -22.13 -1.15
N SER A 321 20.98 -22.89 -0.68
CA SER A 321 19.89 -23.33 -1.54
C SER A 321 18.53 -23.48 -0.83
N VAL A 322 17.49 -23.50 -1.65
CA VAL A 322 16.16 -23.83 -1.19
C VAL A 322 15.76 -25.20 -1.74
N GLY A 323 15.34 -26.08 -0.85
CA GLY A 323 14.78 -27.37 -1.20
C GLY A 323 13.27 -27.29 -1.24
N ILE A 324 12.67 -27.87 -2.27
CA ILE A 324 11.23 -27.84 -2.48
C ILE A 324 10.67 -29.23 -2.74
N ALA A 325 9.59 -29.57 -2.03
CA ALA A 325 8.88 -30.82 -2.25
C ALA A 325 7.40 -30.60 -1.93
N LEU A 326 6.54 -31.41 -2.52
CA LEU A 326 5.11 -31.35 -2.21
C LEU A 326 4.87 -31.64 -0.72
N ALA A 327 4.24 -30.71 -0.01
CA ALA A 327 3.87 -30.94 1.38
C ALA A 327 2.84 -32.05 1.53
N LYS A 328 3.00 -32.86 2.57
CA LYS A 328 2.01 -33.87 2.92
C LYS A 328 0.72 -33.16 3.31
N LYS A 329 -0.39 -33.62 2.75
CA LYS A 329 -1.71 -33.06 3.09
C LYS A 329 -2.06 -33.27 4.55
N ASN A 330 -1.61 -34.40 5.10
CA ASN A 330 -1.87 -34.76 6.50
C ASN A 330 -0.65 -35.42 7.15
N LEU A 331 -0.43 -35.11 8.43
CA LEU A 331 0.63 -35.75 9.20
C LEU A 331 0.13 -37.07 9.81
N SER B 3 -18.62 32.26 -18.39
CA SER B 3 -17.47 32.93 -19.08
C SER B 3 -16.82 33.98 -18.18
N SER B 4 -15.59 34.35 -18.51
CA SER B 4 -14.77 35.34 -17.79
C SER B 4 -13.76 34.70 -16.81
N ASN B 5 -14.03 33.48 -16.37
CA ASN B 5 -13.04 32.65 -15.67
C ASN B 5 -12.56 31.50 -16.55
N ASP B 6 -11.37 31.00 -16.25
CA ASP B 6 -10.79 29.89 -17.00
C ASP B 6 -11.32 28.56 -16.47
N ASN B 7 -12.11 27.86 -17.29
CA ASN B 7 -12.74 26.60 -16.89
C ASN B 7 -12.12 25.40 -17.61
N ILE B 8 -11.87 24.34 -16.85
CA ILE B 8 -11.34 23.08 -17.37
C ILE B 8 -12.37 22.02 -17.07
N GLU B 9 -12.93 21.38 -18.11
CA GLU B 9 -13.95 20.38 -17.92
C GLU B 9 -13.35 19.12 -17.27
N LEU B 10 -14.15 18.49 -16.42
CA LEU B 10 -13.73 17.34 -15.65
C LEU B 10 -14.63 16.17 -15.97
N VAL B 11 -14.01 14.99 -16.09
CA VAL B 11 -14.74 13.79 -16.38
C VAL B 11 -14.57 12.84 -15.22
N ASP B 12 -15.64 12.13 -14.95
CA ASP B 12 -15.72 11.20 -13.86
C ASP B 12 -15.12 9.85 -14.23
N PHE B 13 -14.56 9.15 -13.24
CA PHE B 13 -14.22 7.74 -13.36
C PHE B 13 -14.91 6.94 -12.26
N GLN B 14 -16.03 6.30 -12.61
CA GLN B 14 -16.76 5.40 -11.71
C GLN B 14 -17.16 6.03 -10.36
N ASN B 15 -17.47 7.32 -10.40
CA ASN B 15 -17.81 8.10 -9.21
C ASN B 15 -16.77 8.01 -8.08
N ILE B 16 -15.52 7.72 -8.45
CA ILE B 16 -14.44 7.46 -7.49
C ILE B 16 -13.24 8.43 -7.65
N MET B 17 -12.98 8.84 -8.88
CA MET B 17 -11.96 9.84 -9.18
C MET B 17 -12.45 10.68 -10.35
N PHE B 18 -11.74 11.76 -10.67
CA PHE B 18 -12.02 12.54 -11.87
C PHE B 18 -10.73 12.99 -12.52
N TYR B 19 -10.81 13.32 -13.81
CA TYR B 19 -9.67 13.81 -14.54
C TYR B 19 -10.01 15.08 -15.31
N GLY B 20 -8.99 15.87 -15.59
CA GLY B 20 -9.11 16.98 -16.50
C GLY B 20 -7.89 17.04 -17.40
N ASP B 21 -8.04 17.58 -18.59
CA ASP B 21 -6.94 17.66 -19.54
C ASP B 21 -6.22 19.01 -19.46
N ALA B 22 -4.91 18.97 -19.65
CA ALA B 22 -4.10 20.16 -19.90
C ALA B 22 -3.07 19.80 -20.98
N GLU B 23 -2.33 20.79 -21.47
CA GLU B 23 -1.32 20.55 -22.51
C GLU B 23 0.06 21.04 -22.07
N VAL B 24 1.09 20.44 -22.64
CA VAL B 24 2.48 20.83 -22.38
C VAL B 24 3.21 20.98 -23.72
N GLY B 25 4.09 21.98 -23.81
CA GLY B 25 4.73 22.35 -25.06
C GLY B 25 3.89 23.30 -25.89
N ASP B 26 4.55 24.05 -26.79
CA ASP B 26 3.86 25.05 -27.63
C ASP B 26 2.98 24.40 -28.71
N ASN B 27 3.35 23.20 -29.16
CA ASN B 27 2.42 22.34 -29.91
C ASN B 27 1.40 21.76 -28.94
N GLN B 28 0.38 21.08 -29.45
CA GLN B 28 -0.70 20.59 -28.57
C GLN B 28 -0.17 19.63 -27.50
N GLN B 29 0.09 18.37 -27.87
CA GLN B 29 0.47 17.32 -26.93
C GLN B 29 -0.49 17.31 -25.74
N PRO B 30 -1.67 16.73 -25.93
CA PRO B 30 -2.68 16.69 -24.87
C PRO B 30 -2.38 15.60 -23.85
N PHE B 31 -2.77 15.86 -22.61
CA PHE B 31 -2.61 14.90 -21.51
C PHE B 31 -3.82 14.96 -20.59
N THR B 32 -4.09 13.84 -19.95
CA THR B 32 -5.16 13.72 -18.96
C THR B 32 -4.49 13.67 -17.60
N PHE B 33 -4.96 14.49 -16.66
CA PHE B 33 -4.33 14.60 -15.36
C PHE B 33 -5.30 14.28 -14.25
N ILE B 34 -4.78 13.71 -13.17
CA ILE B 34 -5.41 13.85 -11.87
C ILE B 34 -5.02 15.26 -11.44
N LEU B 35 -6.03 16.09 -11.19
CA LEU B 35 -5.85 17.44 -10.69
C LEU B 35 -5.93 17.33 -9.18
N ASP B 36 -4.81 17.57 -8.52
CA ASP B 36 -4.53 17.07 -7.19
C ASP B 36 -4.17 18.20 -6.23
N THR B 37 -5.12 18.58 -5.37
CA THR B 37 -4.87 19.60 -4.36
C THR B 37 -3.97 19.10 -3.24
N GLY B 38 -3.75 17.79 -3.16
CA GLY B 38 -2.88 17.19 -2.18
C GLY B 38 -1.42 17.06 -2.60
N SER B 39 -1.06 17.55 -3.77
CA SER B 39 0.35 17.67 -4.16
C SER B 39 0.61 19.02 -4.82
N ALA B 40 1.87 19.26 -5.17
CA ALA B 40 2.28 20.58 -5.67
C ALA B 40 3.26 20.52 -6.84
N ASN B 41 3.26 19.39 -7.55
CA ASN B 41 4.10 19.21 -8.74
C ASN B 41 3.29 18.75 -9.93
N LEU B 42 3.71 19.18 -11.11
CA LEU B 42 3.14 18.71 -12.36
C LEU B 42 4.12 17.71 -12.94
N TRP B 43 3.59 16.59 -13.43
CA TRP B 43 4.40 15.63 -14.19
C TRP B 43 3.63 14.96 -15.31
N VAL B 44 4.36 14.63 -16.37
CA VAL B 44 3.82 13.96 -17.54
C VAL B 44 4.81 12.84 -17.87
N PRO B 45 4.32 11.70 -18.36
CA PRO B 45 5.21 10.62 -18.78
C PRO B 45 6.01 11.04 -20.01
N SER B 46 7.33 10.89 -19.96
CA SER B 46 8.21 11.23 -21.07
C SER B 46 8.10 10.20 -22.19
N VAL B 47 8.47 10.62 -23.39
CA VAL B 47 8.63 9.70 -24.52
C VAL B 47 9.84 8.77 -24.27
N LYS B 48 10.73 9.19 -23.37
CA LYS B 48 11.88 8.39 -22.96
C LYS B 48 11.52 7.31 -21.92
N CYS B 49 10.26 7.27 -21.51
CA CYS B 49 9.74 6.22 -20.64
C CYS B 49 9.34 5.01 -21.48
N THR B 50 9.94 3.85 -21.16
CA THR B 50 9.64 2.60 -21.87
C THR B 50 8.98 1.55 -20.98
N THR B 51 8.55 1.97 -19.78
CA THR B 51 7.86 1.09 -18.85
C THR B 51 6.52 0.66 -19.44
N ALA B 52 6.03 -0.50 -19.01
CA ALA B 52 4.77 -1.04 -19.50
C ALA B 52 3.59 -0.08 -19.27
N GLY B 53 3.65 0.67 -18.17
CA GLY B 53 2.65 1.67 -17.87
C GLY B 53 2.61 2.76 -18.92
N CYS B 54 3.78 3.33 -19.23
CA CYS B 54 3.89 4.43 -20.19
C CYS B 54 3.49 4.05 -21.63
N LEU B 55 3.53 2.77 -21.96
CA LEU B 55 3.19 2.31 -23.30
C LEU B 55 1.70 2.50 -23.64
N THR B 56 0.86 2.62 -22.61
CA THR B 56 -0.57 2.87 -22.79
C THR B 56 -0.94 4.37 -22.67
N LYS B 57 0.06 5.22 -22.44
CA LYS B 57 -0.17 6.64 -22.13
C LYS B 57 0.24 7.59 -23.24
N HIS B 58 -0.35 8.79 -23.21
CA HIS B 58 0.11 9.89 -24.05
C HIS B 58 1.41 10.41 -23.48
N LEU B 59 2.43 10.51 -24.32
CA LEU B 59 3.79 10.79 -23.86
C LEU B 59 4.26 12.16 -24.35
N TYR B 60 5.11 12.79 -23.54
CA TYR B 60 5.60 14.14 -23.83
C TYR B 60 6.94 14.08 -24.54
N ASP B 61 6.95 14.56 -25.79
CA ASP B 61 8.16 14.66 -26.59
C ASP B 61 8.68 16.11 -26.56
N SER B 62 9.79 16.33 -25.86
CA SER B 62 10.33 17.67 -25.65
C SER B 62 11.01 18.24 -26.90
N SER B 63 11.41 17.36 -27.82
CA SER B 63 12.03 17.76 -29.08
C SER B 63 11.01 18.30 -30.08
N LYS B 64 9.72 18.08 -29.81
CA LYS B 64 8.65 18.62 -30.65
C LYS B 64 8.18 20.01 -30.19
N SER B 65 8.88 20.60 -29.22
CA SER B 65 8.48 21.89 -28.62
C SER B 65 9.64 22.90 -28.62
N ARG B 66 9.44 24.02 -29.32
CA ARG B 66 10.41 25.12 -29.33
C ARG B 66 10.55 25.80 -27.97
N THR B 67 9.44 25.92 -27.25
CA THR B 67 9.41 26.55 -25.93
C THR B 67 10.10 25.75 -24.82
N TYR B 68 10.39 24.48 -25.10
CA TYR B 68 11.10 23.62 -24.14
C TYR B 68 12.48 24.18 -23.80
N GLU B 69 12.85 24.10 -22.51
CA GLU B 69 14.21 24.42 -22.07
C GLU B 69 14.66 23.40 -21.02
N LYS B 70 15.84 22.82 -21.26
CA LYS B 70 16.35 21.69 -20.50
C LYS B 70 16.74 22.09 -19.07
N ASP B 71 16.67 21.11 -18.16
CA ASP B 71 17.14 21.26 -16.78
C ASP B 71 17.86 19.97 -16.37
N GLY B 72 17.14 18.85 -16.40
CA GLY B 72 17.72 17.54 -16.20
C GLY B 72 17.99 17.11 -14.77
N THR B 73 17.66 17.96 -13.80
CA THR B 73 17.89 17.63 -12.39
C THR B 73 16.97 16.49 -11.96
N LYS B 74 17.56 15.44 -11.38
CA LYS B 74 16.82 14.23 -11.02
C LYS B 74 15.85 14.48 -9.87
N VAL B 75 14.60 14.04 -10.04
CA VAL B 75 13.56 14.17 -9.01
C VAL B 75 12.82 12.85 -8.82
N GLU B 76 12.57 12.50 -7.57
CA GLU B 76 11.67 11.41 -7.21
C GLU B 76 10.45 12.02 -6.51
N MET B 77 9.27 11.77 -7.08
CA MET B 77 8.00 12.26 -6.54
C MET B 77 7.33 11.18 -5.72
N ASN B 78 7.10 11.44 -4.43
CA ASN B 78 6.50 10.47 -3.54
C ASN B 78 5.09 10.86 -3.14
N TYR B 79 4.17 9.89 -3.23
CA TYR B 79 2.80 10.03 -2.77
C TYR B 79 2.48 8.90 -1.81
N VAL B 80 1.36 9.02 -1.10
CA VAL B 80 0.91 7.93 -0.24
C VAL B 80 0.74 6.65 -1.06
N SER B 81 0.27 6.78 -2.29
CA SER B 81 -0.11 5.64 -3.13
C SER B 81 0.97 5.18 -4.12
N GLY B 82 2.15 5.79 -4.07
CA GLY B 82 3.23 5.38 -4.95
C GLY B 82 4.23 6.45 -5.31
N THR B 83 5.17 6.06 -6.15
CA THR B 83 6.29 6.90 -6.52
C THR B 83 6.52 6.85 -8.02
N VAL B 84 6.81 8.01 -8.60
CA VAL B 84 7.34 8.10 -9.95
C VAL B 84 8.64 8.89 -9.91
N SER B 85 9.51 8.67 -10.89
CA SER B 85 10.79 9.38 -10.95
C SER B 85 11.08 9.88 -12.35
N GLY B 86 11.96 10.86 -12.42
CA GLY B 86 12.34 11.46 -13.68
C GLY B 86 13.30 12.60 -13.47
N PHE B 87 13.17 13.61 -14.32
CA PHE B 87 14.01 14.80 -14.27
C PHE B 87 13.17 16.04 -14.53
N PHE B 88 13.58 17.17 -13.96
CA PHE B 88 12.91 18.44 -14.19
C PHE B 88 13.11 18.90 -15.62
N SER B 89 12.05 19.45 -16.20
CA SER B 89 12.11 20.18 -17.46
C SER B 89 11.33 21.47 -17.27
N LYS B 90 11.29 22.31 -18.31
CA LYS B 90 10.45 23.51 -18.30
C LYS B 90 9.83 23.75 -19.68
N ASP B 91 8.56 24.12 -19.71
CA ASP B 91 7.85 24.32 -20.96
C ASP B 91 6.51 25.04 -20.76
N LEU B 92 5.89 25.44 -21.87
CA LEU B 92 4.59 26.10 -21.86
C LEU B 92 3.50 25.12 -21.41
N VAL B 93 3.02 25.31 -20.20
CA VAL B 93 1.88 24.55 -19.67
C VAL B 93 0.60 25.34 -19.91
N THR B 94 -0.29 24.76 -20.70
CA THR B 94 -1.59 25.37 -21.00
C THR B 94 -2.69 24.70 -20.19
N VAL B 95 -3.31 25.46 -19.30
CA VAL B 95 -4.46 25.00 -18.52
C VAL B 95 -5.70 25.79 -18.96
N GLY B 96 -6.64 25.11 -19.60
CA GLY B 96 -7.77 25.76 -20.22
C GLY B 96 -7.33 26.66 -21.37
N ASN B 97 -7.71 27.94 -21.31
CA ASN B 97 -7.29 28.92 -22.30
C ASN B 97 -6.13 29.78 -21.81
N LEU B 98 -5.59 29.45 -20.64
CA LEU B 98 -4.47 30.18 -20.05
C LEU B 98 -3.17 29.39 -20.21
N SER B 99 -2.05 30.09 -20.10
CA SER B 99 -0.74 29.53 -20.41
C SER B 99 0.39 30.25 -19.69
N LEU B 100 1.44 29.51 -19.32
CA LEU B 100 2.62 30.08 -18.67
C LEU B 100 3.81 29.12 -18.71
N PRO B 101 5.02 29.66 -18.88
CA PRO B 101 6.24 28.86 -18.68
C PRO B 101 6.27 28.25 -17.28
N TYR B 102 6.61 26.96 -17.18
CA TYR B 102 6.45 26.25 -15.91
C TYR B 102 7.40 25.06 -15.75
N LYS B 103 7.95 24.93 -14.54
CA LYS B 103 8.82 23.82 -14.17
C LYS B 103 7.96 22.58 -13.87
N PHE B 104 8.23 21.49 -14.57
CA PHE B 104 7.51 20.21 -14.36
C PHE B 104 8.48 19.03 -14.46
N ILE B 105 7.96 17.82 -14.25
CA ILE B 105 8.80 16.62 -14.27
C ILE B 105 8.42 15.73 -15.45
N GLU B 106 9.44 15.36 -16.22
CA GLU B 106 9.31 14.29 -17.20
C GLU B 106 9.57 12.97 -16.48
N VAL B 107 8.55 12.14 -16.36
CA VAL B 107 8.69 10.86 -15.67
C VAL B 107 9.19 9.80 -16.63
N ILE B 108 10.20 9.04 -16.20
CA ILE B 108 10.71 7.91 -16.98
C ILE B 108 10.59 6.56 -16.26
N ASP B 109 10.20 6.56 -14.99
CA ASP B 109 9.93 5.30 -14.27
C ASP B 109 8.62 5.38 -13.49
N THR B 110 7.73 4.43 -13.75
CA THR B 110 6.38 4.45 -13.18
C THR B 110 6.03 3.20 -12.38
N ASN B 111 6.97 2.26 -12.24
CA ASN B 111 6.67 0.98 -11.61
C ASN B 111 6.28 1.08 -10.12
N GLY B 112 6.80 2.10 -9.43
CA GLY B 112 6.41 2.39 -8.07
C GLY B 112 5.01 2.96 -7.92
N PHE B 113 4.32 3.15 -9.04
CA PHE B 113 2.96 3.69 -9.08
C PHE B 113 2.00 2.69 -9.74
N GLU B 114 2.42 1.43 -9.83
CA GLU B 114 1.61 0.35 -10.39
C GLU B 114 1.06 -0.50 -9.25
N PRO B 115 -0.09 -1.16 -9.43
CA PRO B 115 -0.83 -1.22 -10.69
C PRO B 115 -1.83 -0.08 -10.97
N THR B 116 -1.88 0.95 -10.13
CA THR B 116 -2.86 2.01 -10.31
C THR B 116 -2.67 2.77 -11.63
N TYR B 117 -1.43 3.05 -11.99
CA TYR B 117 -1.12 3.84 -13.18
C TYR B 117 -1.63 3.17 -14.44
N THR B 118 -1.33 1.89 -14.60
CA THR B 118 -1.73 1.16 -15.80
C THR B 118 -3.23 0.98 -15.85
N ALA B 119 -3.85 0.76 -14.69
CA ALA B 119 -5.28 0.49 -14.59
C ALA B 119 -6.14 1.72 -14.86
N SER B 120 -5.56 2.91 -14.69
CA SER B 120 -6.26 4.18 -14.86
C SER B 120 -5.96 4.78 -16.23
N THR B 121 -6.80 5.73 -16.66
CA THR B 121 -6.65 6.33 -17.98
C THR B 121 -6.02 7.72 -17.94
N PHE B 122 -5.51 8.14 -16.77
CA PHE B 122 -4.76 9.39 -16.69
C PHE B 122 -3.30 9.16 -17.09
N ASP B 123 -2.68 10.21 -17.60
CA ASP B 123 -1.27 10.19 -18.00
C ASP B 123 -0.39 10.72 -16.88
N GLY B 124 -0.82 11.77 -16.19
CA GLY B 124 -0.01 12.38 -15.17
C GLY B 124 -0.81 13.05 -14.07
N ILE B 125 -0.10 13.82 -13.25
CA ILE B 125 -0.71 14.51 -12.11
C ILE B 125 -0.33 15.97 -12.17
N LEU B 126 -1.31 16.82 -11.94
CA LEU B 126 -1.10 18.25 -11.88
C LEU B 126 -1.44 18.69 -10.46
N GLY B 127 -0.42 19.02 -9.70
CA GLY B 127 -0.57 19.42 -8.30
C GLY B 127 -1.11 20.83 -8.17
N LEU B 128 -1.98 21.04 -7.18
CA LEU B 128 -2.63 22.31 -6.94
C LEU B 128 -2.48 22.76 -5.49
N GLY B 129 -1.38 22.37 -4.86
CA GLY B 129 -1.13 22.64 -3.46
C GLY B 129 -0.34 23.92 -3.26
N TRP B 130 0.32 24.04 -2.12
CA TRP B 130 1.14 25.22 -1.81
C TRP B 130 2.61 24.96 -2.10
N LYS B 131 3.38 26.05 -2.24
CA LYS B 131 4.80 25.96 -2.61
C LYS B 131 5.64 25.03 -1.71
N ASP B 132 5.40 25.05 -0.41
CA ASP B 132 6.19 24.25 0.54
C ASP B 132 5.94 22.75 0.40
N LEU B 133 4.85 22.38 -0.26
CA LEU B 133 4.53 20.98 -0.56
C LEU B 133 5.30 20.46 -1.77
N SER B 134 5.68 21.36 -2.67
CA SER B 134 6.36 20.99 -3.91
C SER B 134 7.77 20.48 -3.68
N ILE B 135 8.28 19.75 -4.68
CA ILE B 135 9.68 19.41 -4.79
C ILE B 135 10.27 20.36 -5.83
N GLY B 136 11.45 20.92 -5.52
CA GLY B 136 12.09 21.89 -6.38
C GLY B 136 11.54 23.30 -6.24
N SER B 137 10.97 23.60 -5.07
CA SER B 137 10.30 24.88 -4.78
C SER B 137 9.67 25.54 -6.00
N VAL B 138 8.57 24.95 -6.47
CA VAL B 138 7.83 25.45 -7.62
C VAL B 138 6.65 26.26 -7.11
N ASP B 139 6.52 27.49 -7.61
CA ASP B 139 5.36 28.32 -7.28
C ASP B 139 4.15 27.71 -7.95
N PRO B 140 3.04 27.57 -7.22
CA PRO B 140 1.82 26.99 -7.80
C PRO B 140 1.36 27.72 -9.07
N ILE B 141 0.80 26.97 -10.01
CA ILE B 141 0.34 27.51 -11.28
C ILE B 141 -0.58 28.71 -11.09
N VAL B 142 -1.57 28.57 -10.21
CA VAL B 142 -2.59 29.60 -10.00
C VAL B 142 -2.00 30.86 -9.36
N VAL B 143 -1.01 30.69 -8.49
CA VAL B 143 -0.31 31.81 -7.87
C VAL B 143 0.46 32.59 -8.93
N GLU B 144 1.18 31.88 -9.80
CA GLU B 144 1.97 32.51 -10.86
C GLU B 144 1.08 33.18 -11.89
N LEU B 145 -0.09 32.60 -12.14
CA LEU B 145 -1.03 33.15 -13.12
C LEU B 145 -1.58 34.49 -12.64
N LYS B 146 -1.85 34.61 -11.34
CA LYS B 146 -2.34 35.88 -10.79
C LYS B 146 -1.22 36.91 -10.71
N ASN B 147 0.00 36.45 -10.42
CA ASN B 147 1.19 37.31 -10.42
C ASN B 147 1.52 37.86 -11.82
N GLN B 148 1.09 37.14 -12.85
CA GLN B 148 1.28 37.55 -14.24
C GLN B 148 0.01 38.17 -14.82
N ASN B 149 -0.97 38.42 -13.95
CA ASN B 149 -2.20 39.13 -14.29
C ASN B 149 -3.10 38.47 -15.34
N LYS B 150 -2.96 37.16 -15.50
CA LYS B 150 -3.83 36.38 -16.37
C LYS B 150 -5.17 36.05 -15.69
N ILE B 151 -5.20 36.07 -14.36
CA ILE B 151 -6.44 35.89 -13.61
C ILE B 151 -6.62 36.93 -12.51
N GLU B 152 -7.89 37.15 -12.12
CA GLU B 152 -8.27 38.20 -11.19
C GLU B 152 -7.85 37.86 -9.76
N ASN B 153 -7.99 36.57 -9.41
CA ASN B 153 -7.70 36.12 -8.06
C ASN B 153 -6.85 34.86 -8.10
N ALA B 154 -5.93 34.73 -7.15
CA ALA B 154 -5.17 33.50 -6.95
C ALA B 154 -6.05 32.52 -6.19
N LEU B 155 -7.02 31.98 -6.90
CA LEU B 155 -7.91 30.98 -6.36
C LEU B 155 -8.40 30.06 -7.47
N PHE B 156 -8.70 28.84 -7.10
CA PHE B 156 -9.36 27.92 -8.00
C PHE B 156 -10.46 27.19 -7.26
N THR B 157 -11.29 26.53 -8.02
CA THR B 157 -12.59 26.10 -7.58
C THR B 157 -12.85 24.72 -8.19
N PHE B 158 -13.46 23.81 -7.43
CA PHE B 158 -13.77 22.45 -7.92
C PHE B 158 -15.26 22.16 -7.81
N TYR B 159 -15.88 21.92 -8.95
CA TYR B 159 -17.21 21.39 -9.03
C TYR B 159 -17.00 20.02 -9.66
N LEU B 160 -17.14 18.96 -8.87
CA LEU B 160 -16.82 17.63 -9.35
C LEU B 160 -17.94 17.04 -10.19
N PRO B 161 -17.56 16.24 -11.19
CA PRO B 161 -18.55 15.51 -11.98
C PRO B 161 -19.19 14.41 -11.13
N VAL B 162 -20.44 14.07 -11.45
CA VAL B 162 -21.13 12.95 -10.84
C VAL B 162 -21.60 12.04 -11.97
N HIS B 163 -21.22 10.76 -11.90
CA HIS B 163 -21.58 9.81 -12.94
C HIS B 163 -23.08 9.77 -13.19
N ASP B 164 -23.46 9.72 -14.47
CA ASP B 164 -24.85 9.68 -14.92
C ASP B 164 -25.67 10.93 -14.58
N LYS B 165 -25.00 12.03 -14.23
CA LYS B 165 -25.67 13.26 -13.80
C LYS B 165 -25.14 14.48 -14.55
N HIS B 166 -23.86 14.79 -14.36
CA HIS B 166 -23.23 15.94 -15.01
C HIS B 166 -21.70 15.86 -15.02
N THR B 167 -21.07 16.58 -15.95
CA THR B 167 -19.61 16.77 -15.87
C THR B 167 -19.33 17.83 -14.82
N GLY B 168 -18.06 18.09 -14.59
CA GLY B 168 -17.62 19.05 -13.60
C GLY B 168 -16.67 20.04 -14.21
N PHE B 169 -16.20 20.97 -13.38
CA PHE B 169 -15.24 21.95 -13.83
C PHE B 169 -14.25 22.30 -12.74
N LEU B 170 -13.00 22.46 -13.14
CA LEU B 170 -12.00 23.18 -12.37
C LEU B 170 -12.02 24.61 -12.91
N THR B 171 -12.40 25.57 -12.08
CA THR B 171 -12.46 26.97 -12.49
C THR B 171 -11.30 27.70 -11.82
N ILE B 172 -10.53 28.44 -12.61
CA ILE B 172 -9.38 29.17 -12.12
C ILE B 172 -9.66 30.67 -12.21
N GLY B 173 -9.46 31.38 -11.10
CA GLY B 173 -9.43 32.83 -11.09
C GLY B 173 -10.63 33.50 -10.43
N GLY B 174 -11.69 32.74 -10.23
CA GLY B 174 -12.90 33.28 -9.65
C GLY B 174 -13.95 32.25 -9.29
N ILE B 175 -14.93 32.70 -8.51
CA ILE B 175 -15.98 31.86 -8.00
C ILE B 175 -17.24 32.08 -8.82
N GLU B 176 -17.88 30.98 -9.24
CA GLU B 176 -19.09 31.05 -10.02
C GLU B 176 -20.23 30.43 -9.23
N GLU B 177 -21.30 31.21 -9.07
CA GLU B 177 -22.48 30.81 -8.32
C GLU B 177 -23.26 29.64 -8.90
N ARG B 178 -23.10 29.40 -10.19
CA ARG B 178 -23.81 28.30 -10.86
C ARG B 178 -23.48 26.94 -10.22
N PHE B 179 -22.27 26.84 -9.67
CA PHE B 179 -21.78 25.57 -9.12
C PHE B 179 -22.33 25.20 -7.74
N TYR B 180 -22.91 26.14 -7.00
CA TYR B 180 -23.38 25.81 -5.65
C TYR B 180 -24.69 26.49 -5.25
N GLU B 181 -25.32 25.95 -4.22
CA GLU B 181 -26.50 26.54 -3.62
C GLU B 181 -26.19 26.88 -2.18
N GLY B 182 -26.91 27.85 -1.63
CA GLY B 182 -26.68 28.29 -0.27
C GLY B 182 -25.38 29.02 -0.10
N PRO B 183 -25.01 29.30 1.14
CA PRO B 183 -23.81 30.08 1.45
C PRO B 183 -22.51 29.31 1.28
N LEU B 184 -21.47 30.02 0.86
CA LEU B 184 -20.10 29.57 1.00
C LEU B 184 -19.65 29.86 2.43
N THR B 185 -18.90 28.94 3.01
CA THR B 185 -18.30 29.14 4.33
C THR B 185 -16.81 28.99 4.20
N TYR B 186 -16.08 29.98 4.69
CA TYR B 186 -14.63 29.97 4.61
C TYR B 186 -14.01 29.44 5.89
N GLU B 187 -13.11 28.48 5.72
CA GLU B 187 -12.31 27.93 6.79
C GLU B 187 -10.86 28.29 6.52
N LYS B 188 -10.24 28.93 7.50
CA LYS B 188 -8.82 29.29 7.41
C LYS B 188 -7.94 28.06 7.44
N LEU B 189 -6.91 28.05 6.59
CA LEU B 189 -5.87 27.05 6.62
C LEU B 189 -5.14 27.08 7.97
N ASN B 190 -4.81 25.91 8.50
CA ASN B 190 -3.96 25.86 9.68
C ASN B 190 -2.48 25.84 9.30
N HIS B 191 -2.19 25.49 8.05
CA HIS B 191 -0.84 25.58 7.47
C HIS B 191 -0.91 25.80 5.95
N ASP B 192 0.05 26.54 5.40
CA ASP B 192 0.18 26.71 3.96
C ASP B 192 0.98 25.57 3.35
N LEU B 193 0.37 24.40 3.23
CA LEU B 193 1.08 23.21 2.77
C LEU B 193 0.14 22.35 1.93
N TYR B 194 -0.63 21.48 2.57
CA TYR B 194 -1.83 20.95 1.96
C TYR B 194 -2.90 22.02 2.16
N TRP B 195 -4.02 21.88 1.47
CA TRP B 195 -5.20 22.66 1.79
C TRP B 195 -5.85 22.04 3.01
N GLN B 196 -5.30 22.39 4.17
CA GLN B 196 -5.63 21.73 5.43
C GLN B 196 -6.26 22.69 6.41
N ILE B 197 -7.40 22.28 6.95
CA ILE B 197 -8.20 23.10 7.85
C ILE B 197 -8.54 22.32 9.11
N THR B 198 -8.94 23.03 10.15
CA THR B 198 -9.23 22.43 11.42
C THR B 198 -10.73 22.32 11.62
N LEU B 199 -11.22 21.10 11.78
CA LEU B 199 -12.62 20.82 12.02
C LEU B 199 -12.77 19.78 13.10
N ASP B 200 -13.81 19.91 13.89
CA ASP B 200 -14.25 18.83 14.77
C ASP B 200 -14.87 17.74 13.90
N ALA B 201 -14.33 16.53 13.98
CA ALA B 201 -14.83 15.42 13.18
C ALA B 201 -15.59 14.47 14.10
N HIS B 202 -16.85 14.20 13.80
CA HIS B 202 -17.60 13.27 14.63
C HIS B 202 -18.53 12.36 13.84
N VAL B 203 -18.62 11.13 14.32
CA VAL B 203 -19.57 10.14 13.89
C VAL B 203 -20.19 9.62 15.19
N GLY B 204 -21.36 10.14 15.55
CA GLY B 204 -21.95 9.83 16.86
C GLY B 204 -21.05 10.33 17.97
N ASN B 205 -20.81 9.47 18.98
CA ASN B 205 -19.91 9.83 20.09
C ASN B 205 -18.44 9.62 19.77
N ILE B 206 -18.15 9.10 18.59
CA ILE B 206 -16.78 9.06 18.12
C ILE B 206 -16.46 10.48 17.66
N MET B 207 -15.58 11.15 18.41
CA MET B 207 -15.25 12.55 18.13
C MET B 207 -13.75 12.74 18.18
N LEU B 208 -13.27 13.62 17.30
CA LEU B 208 -11.90 14.04 17.26
C LEU B 208 -11.98 15.54 17.07
N GLU B 209 -11.98 16.31 18.16
CA GLU B 209 -12.11 17.74 18.04
C GLU B 209 -10.82 18.35 17.47
N LYS B 210 -10.98 19.46 16.75
CA LYS B 210 -9.86 20.17 16.15
C LYS B 210 -8.96 19.25 15.33
N ALA B 211 -9.60 18.34 14.58
CA ALA B 211 -8.87 17.45 13.68
C ALA B 211 -8.29 18.21 12.52
N ASN B 212 -7.12 17.80 12.07
CA ASN B 212 -6.53 18.30 10.84
C ASN B 212 -7.22 17.64 9.67
N CYS B 213 -7.79 18.45 8.77
CA CYS B 213 -8.56 17.94 7.64
C CYS B 213 -7.99 18.46 6.34
N ILE B 214 -7.44 17.56 5.53
CA ILE B 214 -6.87 17.90 4.23
C ILE B 214 -7.94 17.74 3.16
N VAL B 215 -8.18 18.79 2.38
CA VAL B 215 -9.15 18.70 1.30
C VAL B 215 -8.34 18.31 0.08
N ASP B 216 -8.55 17.08 -0.38
CA ASP B 216 -7.66 16.48 -1.38
C ASP B 216 -8.41 15.87 -2.56
N SER B 217 -8.33 16.53 -3.70
CA SER B 217 -8.99 16.08 -4.92
C SER B 217 -8.33 14.83 -5.52
N GLY B 218 -7.11 14.53 -5.10
CA GLY B 218 -6.38 13.37 -5.57
C GLY B 218 -6.52 12.15 -4.68
N THR B 219 -7.47 12.18 -3.74
CA THR B 219 -7.73 11.03 -2.90
C THR B 219 -9.12 10.51 -3.20
N SER B 220 -9.24 9.19 -3.38
CA SER B 220 -10.50 8.59 -3.79
C SER B 220 -11.39 8.19 -2.62
N ALA B 221 -10.86 8.23 -1.39
CA ALA B 221 -11.56 7.79 -0.21
C ALA B 221 -11.76 8.93 0.78
N ILE B 222 -12.49 8.67 1.85
CA ILE B 222 -12.34 9.45 3.06
C ILE B 222 -11.34 8.66 3.86
N THR B 223 -10.34 9.36 4.34
CA THR B 223 -9.30 8.73 5.13
C THR B 223 -9.40 9.30 6.53
N VAL B 224 -9.27 8.42 7.51
CA VAL B 224 -9.43 8.76 8.92
C VAL B 224 -8.32 8.08 9.72
N PRO B 225 -8.04 8.54 10.93
CA PRO B 225 -7.06 7.83 11.78
C PRO B 225 -7.51 6.39 11.97
N THR B 226 -6.56 5.47 12.03
CA THR B 226 -6.89 4.07 12.14
C THR B 226 -7.77 3.79 13.37
N ASP B 227 -7.42 4.41 14.49
CA ASP B 227 -8.18 4.30 15.74
C ASP B 227 -9.62 4.73 15.55
N PHE B 228 -9.82 5.83 14.82
CA PHE B 228 -11.14 6.34 14.52
C PHE B 228 -11.93 5.34 13.67
N LEU B 229 -11.32 4.77 12.65
CA LEU B 229 -11.99 3.77 11.82
C LEU B 229 -12.38 2.56 12.68
N ASN B 230 -11.47 2.12 13.55
CA ASN B 230 -11.72 0.95 14.40
C ASN B 230 -12.94 1.17 15.29
N LYS B 231 -13.06 2.37 15.86
CA LYS B 231 -14.24 2.70 16.68
C LYS B 231 -15.52 2.70 15.84
N MET B 232 -15.45 3.23 14.62
CA MET B 232 -16.61 3.24 13.72
C MET B 232 -17.04 1.82 13.35
N LEU B 233 -16.06 0.94 13.16
CA LEU B 233 -16.35 -0.42 12.74
C LEU B 233 -17.06 -1.21 13.84
N GLN B 234 -16.86 -0.80 15.10
CA GLN B 234 -17.56 -1.42 16.23
C GLN B 234 -19.08 -1.28 16.12
N ASN B 235 -19.54 -0.21 15.46
CA ASN B 235 -20.98 0.03 15.26
C ASN B 235 -21.53 -0.52 13.94
N LEU B 236 -20.74 -1.33 13.24
CA LEU B 236 -21.12 -1.87 11.94
C LEU B 236 -20.92 -3.37 11.91
N ASP B 237 -21.51 -4.02 10.91
CA ASP B 237 -21.31 -5.45 10.70
C ASP B 237 -20.98 -5.68 9.23
N VAL B 238 -20.02 -4.91 8.75
CA VAL B 238 -19.53 -4.99 7.39
C VAL B 238 -18.54 -6.15 7.25
N ILE B 239 -18.18 -6.47 6.02
CA ILE B 239 -17.35 -7.63 5.73
C ILE B 239 -15.94 -7.18 5.39
N LYS B 240 -14.98 -7.58 6.20
CA LYS B 240 -13.59 -7.24 5.93
C LYS B 240 -13.04 -8.14 4.84
N VAL B 241 -12.35 -7.51 3.88
CA VAL B 241 -11.71 -8.25 2.81
C VAL B 241 -10.48 -8.93 3.42
N PRO B 242 -10.32 -10.24 3.25
CA PRO B 242 -9.16 -10.93 3.82
C PRO B 242 -7.81 -10.22 3.57
N PHE B 243 -7.12 -9.95 4.68
CA PHE B 243 -5.80 -9.31 4.75
C PHE B 243 -5.67 -7.95 4.07
N LEU B 244 -6.80 -7.32 3.78
CA LEU B 244 -6.76 -5.97 3.23
C LEU B 244 -7.58 -5.04 4.12
N PRO B 245 -7.18 -3.78 4.20
CA PRO B 245 -7.87 -2.82 5.06
C PRO B 245 -9.09 -2.22 4.36
N PHE B 246 -9.89 -3.09 3.73
CA PHE B 246 -11.06 -2.71 2.96
C PHE B 246 -12.25 -3.50 3.44
N TYR B 247 -13.43 -2.95 3.25
CA TYR B 247 -14.67 -3.55 3.77
C TYR B 247 -15.77 -3.48 2.75
N VAL B 248 -16.61 -4.51 2.72
CA VAL B 248 -17.74 -4.60 1.83
C VAL B 248 -19.03 -4.45 2.64
N THR B 249 -19.97 -3.68 2.10
CA THR B 249 -21.30 -3.49 2.67
C THR B 249 -22.35 -3.48 1.59
N LEU B 250 -23.59 -3.75 1.99
CA LEU B 250 -24.72 -3.34 1.18
C LEU B 250 -24.73 -1.81 1.19
N CYS B 251 -25.00 -1.22 0.03
CA CYS B 251 -24.99 0.23 -0.12
C CYS B 251 -26.10 0.88 0.71
N ASN B 252 -27.19 0.14 0.90
CA ASN B 252 -28.35 0.63 1.64
C ASN B 252 -28.33 0.29 3.13
N ASN B 253 -27.18 -0.19 3.62
CA ASN B 253 -26.98 -0.44 5.04
C ASN B 253 -27.27 0.86 5.81
N SER B 254 -28.39 0.89 6.53
CA SER B 254 -28.86 2.11 7.17
C SER B 254 -28.03 2.51 8.38
N LYS B 255 -27.18 1.60 8.85
CA LYS B 255 -26.28 1.86 9.97
C LYS B 255 -24.95 2.49 9.56
N LEU B 256 -24.71 2.64 8.26
CA LEU B 256 -23.48 3.25 7.81
C LEU B 256 -23.43 4.69 8.33
N PRO B 257 -22.25 5.12 8.75
CA PRO B 257 -22.09 6.42 9.39
C PRO B 257 -22.22 7.63 8.44
N THR B 258 -22.76 8.70 9.00
CA THR B 258 -22.70 10.01 8.37
C THR B 258 -21.65 10.79 9.12
N PHE B 259 -20.62 11.22 8.41
CA PHE B 259 -19.59 12.07 8.97
C PHE B 259 -20.20 13.43 9.27
N GLU B 260 -19.77 14.02 10.37
CA GLU B 260 -20.12 15.41 10.69
C GLU B 260 -18.83 16.13 10.98
N PHE B 261 -18.57 17.21 10.25
CA PHE B 261 -17.40 18.04 10.47
C PHE B 261 -17.90 19.42 10.82
N THR B 262 -17.50 19.94 11.97
CA THR B 262 -18.04 21.22 12.44
C THR B 262 -16.94 22.20 12.79
N SER B 263 -17.16 23.46 12.43
CA SER B 263 -16.31 24.55 12.83
C SER B 263 -17.18 25.60 13.48
N GLU B 264 -16.57 26.70 13.90
CA GLU B 264 -17.32 27.85 14.37
C GLU B 264 -18.20 28.44 13.27
N ASN B 265 -17.74 28.32 12.02
CA ASN B 265 -18.40 28.95 10.89
C ASN B 265 -19.41 28.08 10.15
N GLY B 266 -19.32 26.76 10.28
CA GLY B 266 -20.15 25.89 9.46
C GLY B 266 -20.20 24.46 9.93
N LYS B 267 -21.21 23.74 9.43
CA LYS B 267 -21.37 22.33 9.69
C LYS B 267 -21.44 21.60 8.33
N TYR B 268 -20.62 20.57 8.17
CA TYR B 268 -20.57 19.79 6.93
C TYR B 268 -20.86 18.34 7.27
N THR B 269 -21.67 17.68 6.45
CA THR B 269 -21.97 16.27 6.69
C THR B 269 -21.68 15.49 5.43
N LEU B 270 -21.32 14.22 5.60
CA LEU B 270 -21.06 13.36 4.45
C LEU B 270 -21.69 12.00 4.67
N GLU B 271 -22.74 11.75 3.90
CA GLU B 271 -23.58 10.58 4.04
C GLU B 271 -22.98 9.45 3.21
N PRO B 272 -23.34 8.22 3.53
CA PRO B 272 -22.87 7.04 2.77
C PRO B 272 -23.04 7.14 1.26
N GLU B 273 -24.11 7.76 0.77
CA GLU B 273 -24.33 7.88 -0.66
C GLU B 273 -23.17 8.56 -1.38
N TYR B 274 -22.44 9.45 -0.68
CA TYR B 274 -21.32 10.15 -1.26
C TYR B 274 -20.01 9.38 -1.14
N TYR B 275 -19.76 8.72 -0.02
CA TYR B 275 -18.43 8.14 0.18
C TYR B 275 -18.28 6.68 -0.28
N LEU B 276 -19.37 5.93 -0.32
CA LEU B 276 -19.29 4.51 -0.71
C LEU B 276 -18.81 4.36 -2.14
N GLN B 277 -18.06 3.29 -2.38
CA GLN B 277 -17.69 2.93 -3.73
C GLN B 277 -18.55 1.76 -4.17
N HIS B 278 -19.43 1.99 -5.15
CA HIS B 278 -20.28 0.90 -5.65
C HIS B 278 -19.46 -0.13 -6.42
N ILE B 279 -19.73 -1.41 -6.15
CA ILE B 279 -19.15 -2.55 -6.88
C ILE B 279 -20.27 -3.46 -7.38
N GLU B 280 -21.17 -2.85 -8.14
CA GLU B 280 -22.27 -3.54 -8.78
C GLU B 280 -21.83 -4.72 -9.64
N ASP B 281 -20.61 -4.65 -10.20
CA ASP B 281 -20.10 -5.77 -10.99
C ASP B 281 -19.62 -6.97 -10.18
N VAL B 282 -19.62 -6.84 -8.85
CA VAL B 282 -19.39 -7.95 -7.95
C VAL B 282 -20.70 -8.50 -7.36
N GLY B 283 -21.62 -7.61 -7.00
CA GLY B 283 -22.94 -8.03 -6.58
C GLY B 283 -23.91 -6.87 -6.53
N PRO B 284 -25.19 -7.13 -6.75
CA PRO B 284 -26.18 -6.06 -6.76
C PRO B 284 -26.27 -5.39 -5.38
N GLY B 285 -26.14 -4.07 -5.39
CA GLY B 285 -26.26 -3.27 -4.19
C GLY B 285 -25.07 -3.41 -3.26
N LEU B 286 -23.94 -3.90 -3.77
CA LEU B 286 -22.73 -4.07 -2.98
C LEU B 286 -21.86 -2.85 -3.16
N CYS B 287 -21.11 -2.52 -2.12
CA CYS B 287 -20.28 -1.33 -2.05
C CYS B 287 -19.02 -1.65 -1.26
N MET B 288 -17.93 -0.95 -1.56
CA MET B 288 -16.81 -0.85 -0.65
C MET B 288 -17.08 0.31 0.27
N LEU B 289 -16.75 0.14 1.54
CA LEU B 289 -16.95 1.18 2.56
C LEU B 289 -16.23 2.46 2.16
N ASN B 290 -15.01 2.34 1.65
CA ASN B 290 -14.23 3.47 1.12
C ASN B 290 -13.88 4.52 2.17
N ILE B 291 -13.82 4.07 3.43
CA ILE B 291 -13.23 4.80 4.53
C ILE B 291 -11.99 4.01 4.93
N ILE B 292 -10.84 4.66 4.80
CA ILE B 292 -9.52 4.04 4.91
C ILE B 292 -8.83 4.61 6.13
N GLY B 293 -8.18 3.76 6.91
CA GLY B 293 -7.39 4.20 8.04
C GLY B 293 -6.02 4.64 7.56
N LEU B 294 -5.62 5.86 7.92
CA LEU B 294 -4.31 6.39 7.56
C LEU B 294 -3.85 7.32 8.69
N ASP B 295 -2.70 6.99 9.27
CA ASP B 295 -2.16 7.71 10.41
C ASP B 295 -1.06 8.67 9.97
N PHE B 296 -1.31 9.96 10.17
CA PHE B 296 -0.31 11.00 9.96
C PHE B 296 0.30 11.28 11.34
N PRO B 297 1.43 11.98 11.41
CA PRO B 297 2.02 12.38 12.69
C PRO B 297 1.02 13.11 13.60
N VAL B 298 0.15 13.91 12.98
CA VAL B 298 -0.93 14.59 13.66
C VAL B 298 -2.24 13.93 13.21
N PRO B 299 -3.19 13.69 14.11
CA PRO B 299 -4.47 13.08 13.72
C PRO B 299 -5.14 13.83 12.58
N THR B 300 -5.32 13.14 11.45
CA THR B 300 -5.69 13.79 10.18
C THR B 300 -6.79 13.02 9.47
N PHE B 301 -7.70 13.78 8.86
CA PHE B 301 -8.70 13.25 7.96
C PHE B 301 -8.36 13.76 6.58
N ILE B 302 -8.43 12.90 5.56
CA ILE B 302 -8.37 13.39 4.20
C ILE B 302 -9.81 13.38 3.69
N LEU B 303 -10.31 14.58 3.44
CA LEU B 303 -11.59 14.76 2.79
C LEU B 303 -11.30 14.71 1.30
N GLY B 304 -11.38 13.50 0.75
CA GLY B 304 -11.09 13.27 -0.64
C GLY B 304 -12.26 13.57 -1.56
N ASP B 305 -12.19 13.00 -2.75
CA ASP B 305 -13.24 13.15 -3.75
C ASP B 305 -14.66 12.98 -3.23
N PRO B 306 -14.94 11.99 -2.37
CA PRO B 306 -16.30 11.84 -1.85
C PRO B 306 -16.86 13.12 -1.21
N PHE B 307 -16.05 13.79 -0.41
CA PHE B 307 -16.46 15.05 0.21
C PHE B 307 -16.67 16.14 -0.84
N MET B 308 -15.74 16.22 -1.80
CA MET B 308 -15.78 17.23 -2.85
C MET B 308 -16.88 16.98 -3.87
N ARG B 309 -17.39 15.76 -3.95
CA ARG B 309 -18.51 15.49 -4.83
C ARG B 309 -19.79 16.11 -4.29
N LYS B 310 -19.90 16.18 -2.96
CA LYS B 310 -21.05 16.81 -2.32
C LYS B 310 -20.85 18.32 -2.22
N TYR B 311 -19.65 18.73 -1.85
CA TYR B 311 -19.37 20.13 -1.56
C TYR B 311 -18.49 20.76 -2.60
N PHE B 312 -19.02 21.79 -3.27
CA PHE B 312 -18.22 22.69 -4.05
C PHE B 312 -17.14 23.30 -3.17
N THR B 313 -15.94 23.41 -3.69
CA THR B 313 -14.82 23.90 -2.89
C THR B 313 -14.03 24.97 -3.59
N VAL B 314 -13.65 25.96 -2.80
CA VAL B 314 -12.91 27.12 -3.26
C VAL B 314 -11.58 27.09 -2.53
N PHE B 315 -10.50 27.16 -3.29
CA PHE B 315 -9.14 27.11 -2.76
C PHE B 315 -8.50 28.47 -3.01
N ASP B 316 -8.38 29.24 -1.94
CA ASP B 316 -8.02 30.66 -2.00
C ASP B 316 -6.61 30.90 -1.45
N TYR B 317 -5.64 31.10 -2.33
CA TYR B 317 -4.28 31.38 -1.91
C TYR B 317 -4.19 32.75 -1.23
N ASP B 318 -4.86 33.74 -1.80
CA ASP B 318 -4.79 35.12 -1.30
C ASP B 318 -5.24 35.22 0.16
N ASN B 319 -6.31 34.50 0.49
CA ASN B 319 -6.92 34.57 1.82
C ASN B 319 -6.62 33.33 2.68
N HIS B 320 -5.77 32.45 2.16
CA HIS B 320 -5.31 31.26 2.89
C HIS B 320 -6.47 30.51 3.51
N SER B 321 -7.46 30.20 2.68
CA SER B 321 -8.67 29.55 3.13
C SER B 321 -9.22 28.58 2.09
N VAL B 322 -10.07 27.68 2.57
CA VAL B 322 -10.90 26.85 1.75
C VAL B 322 -12.34 27.28 1.97
N GLY B 323 -13.04 27.57 0.88
CA GLY B 323 -14.45 27.86 0.92
C GLY B 323 -15.25 26.61 0.62
N ILE B 324 -16.32 26.39 1.37
CA ILE B 324 -17.14 25.19 1.21
C ILE B 324 -18.60 25.57 1.05
N ALA B 325 -19.24 24.99 0.04
CA ALA B 325 -20.67 25.16 -0.19
C ALA B 325 -21.24 23.92 -0.82
N LEU B 326 -22.52 23.66 -0.56
CA LEU B 326 -23.22 22.53 -1.18
C LEU B 326 -23.20 22.67 -2.70
N ALA B 327 -22.71 21.63 -3.38
CA ALA B 327 -22.66 21.65 -4.84
C ALA B 327 -24.06 21.52 -5.42
N LYS B 328 -24.32 22.21 -6.52
CA LYS B 328 -25.60 22.10 -7.20
C LYS B 328 -25.71 20.68 -7.75
N LYS B 329 -26.87 20.06 -7.57
CA LYS B 329 -27.08 18.66 -7.97
C LYS B 329 -26.98 18.48 -9.49
N ASN B 330 -27.34 19.52 -10.23
CA ASN B 330 -27.13 19.55 -11.68
C ASN B 330 -27.05 20.98 -12.19
N LEU B 331 -26.20 21.21 -13.19
CA LEU B 331 -26.07 22.52 -13.80
C LEU B 331 -27.28 22.82 -14.68
CA IVA C 1 -1.93 -8.32 2.05
CB IVA C 1 -1.65 -8.09 0.58
CG1 IVA C 1 -2.74 -8.73 -0.28
CG2 IVA C 1 -0.29 -8.63 0.19
C IVA C 1 -0.81 -7.80 2.91
O IVA C 1 -0.72 -6.59 3.11
N VAL C 2 0.03 -8.70 3.40
CA VAL C 2 1.18 -8.37 4.21
C VAL C 2 2.42 -8.87 3.54
N VAL C 3 3.43 -8.02 3.44
CA VAL C 3 4.69 -8.30 2.78
C VAL C 3 5.81 -7.86 3.70
N STA C 4 6.55 -8.85 4.19
CA STA C 4 7.57 -8.63 5.20
CB STA C 4 7.10 -9.18 6.55
CG STA C 4 5.77 -8.60 7.04
CD1 STA C 4 5.89 -7.13 7.44
CD2 STA C 4 5.23 -9.46 8.17
CH STA C 4 8.87 -9.31 4.76
OH STA C 4 8.61 -10.66 4.51
CM STA C 4 9.48 -8.68 3.52
C STA C 4 10.16 -7.40 3.89
O STA C 4 9.61 -6.33 3.71
N ALA C 5 11.41 -7.49 4.37
CA ALA C 5 12.19 -6.31 4.65
C ALA C 5 12.53 -5.53 3.41
N STA C 6 12.75 -4.22 3.58
CA STA C 6 13.19 -3.32 2.53
CB STA C 6 12.39 -2.02 2.57
CG STA C 6 11.04 -2.03 1.84
CD1 STA C 6 11.19 -2.31 0.35
CD2 STA C 6 10.37 -0.67 2.03
CH STA C 6 14.67 -2.98 2.72
OH STA C 6 14.79 -2.10 3.83
CM STA C 6 15.57 -4.19 2.95
C STA C 6 16.98 -3.74 3.24
O STA C 6 17.52 -2.75 2.56
OXT STA C 6 17.64 -4.27 4.13
CA IVA D 1 -7.81 3.51 -2.92
CB IVA D 1 -7.95 3.56 -1.41
CG1 IVA D 1 -9.29 2.98 -0.98
CG2 IVA D 1 -7.74 4.97 -0.88
C IVA D 1 -6.55 4.20 -3.37
O IVA D 1 -5.45 3.65 -3.26
N VAL D 2 -6.69 5.42 -3.87
CA VAL D 2 -5.56 6.24 -4.25
C VAL D 2 -5.52 7.44 -3.37
N VAL D 3 -4.34 7.76 -2.89
CA VAL D 3 -4.08 8.89 -2.03
C VAL D 3 -2.90 9.61 -2.60
N STA D 4 -3.12 10.83 -3.09
CA STA D 4 -2.10 11.63 -3.77
CB STA D 4 -2.35 11.69 -5.27
CG STA D 4 -2.59 10.34 -5.95
CD1 STA D 4 -1.30 9.54 -6.09
CD2 STA D 4 -3.26 10.54 -7.31
CH STA D 4 -2.09 13.02 -3.17
OH STA D 4 -3.40 13.56 -3.19
CM STA D 4 -1.59 13.04 -1.74
C STA D 4 -0.09 12.86 -1.70
O STA D 4 0.41 11.78 -1.41
N ALA D 5 0.65 13.94 -1.96
CA ALA D 5 2.09 13.94 -1.82
C ALA D 5 2.52 13.76 -0.39
N STA D 6 3.75 13.27 -0.20
CA STA D 6 4.37 13.10 1.10
CB STA D 6 4.85 11.66 1.28
CG STA D 6 3.70 10.69 1.58
CD1 STA D 6 3.02 11.01 2.90
CD2 STA D 6 4.21 9.26 1.55
CH STA D 6 5.55 14.06 1.22
OH STA D 6 6.53 13.75 0.25
CM STA D 6 5.09 15.52 1.03
C STA D 6 6.25 16.47 1.24
O STA D 6 6.86 17.02 0.20
OXT STA D 6 6.63 16.72 2.37
#